data_8DQ9
#
_entry.id   8DQ9
#
_cell.length_a   74.342
_cell.length_b   89.761
_cell.length_c   223.744
_cell.angle_alpha   90.000
_cell.angle_beta   90.000
_cell.angle_gamma   90.000
#
_symmetry.space_group_name_H-M   'I 2 2 2'
#
loop_
_entity.id
_entity.type
_entity.pdbx_description
1 polymer '3-dehydroquinate dehydratase I'
2 non-polymer 'CHLORIDE ION'
3 non-polymer 'ZINC ION'
4 non-polymer "GUANOSINE-5'-DIPHOSPHATE"
5 water water
#
_entity_poly.entity_id   1
_entity_poly.type   'polypeptide(L)'
_entity_poly.pdbx_seq_one_letter_code
;MAHHHHHHMQDEMYMARALKLAARGRFTTHPNPNVGCVIVKDGEIVGEGFHYRAGEPHAEVHALRMAGDKAKGATAYVTL
EPCSHHGRTPPCCDALIAAGVARVVAAMQDPNPQVAGRGLYRLQQAGIDVSHGLMMNEAEALNKGFLKRMRTGFPWIQLK
MGASLDGRTAMASGESQWITSPQARRDVQRLRAQSHAILTSSATVLADDPALTVRWQELSADTQALYPQENLRQPLRIVI
DSQNRVTPEHRIIQQQGETLFARTHADERAWPDNVRTLLVPEHNGHLDLVLLMMQLGKQQVNSIWVEAGPTLAGALLQAG
LVDELIVYIAPKLLGSDARGLCALPGLEKLSQAPHFKFNEIRQVGPDVCLHLTTA
;
_entity_poly.pdbx_strand_id   A,B
#
loop_
_chem_comp.id
_chem_comp.type
_chem_comp.name
_chem_comp.formula
CL non-polymer 'CHLORIDE ION' 'Cl -1'
GDP RNA linking GUANOSINE-5'-DIPHOSPHATE 'C10 H15 N5 O11 P2'
ZN non-polymer 'ZINC ION' 'Zn 2'
#
# COMPACT_ATOMS: atom_id res chain seq x y z
N GLN A 10 1.26 7.46 -34.14
CA GLN A 10 1.05 8.69 -34.90
C GLN A 10 -0.24 9.39 -34.48
N ASP A 11 -1.41 8.85 -34.86
CA ASP A 11 -2.67 9.46 -34.44
C ASP A 11 -2.97 9.22 -32.97
N GLU A 12 -2.24 8.32 -32.31
CA GLU A 12 -2.43 8.17 -30.87
C GLU A 12 -2.13 9.46 -30.14
N MET A 13 -1.14 10.23 -30.62
CA MET A 13 -0.83 11.51 -30.01
C MET A 13 -2.03 12.44 -30.00
N TYR A 14 -2.92 12.33 -30.99
CA TYR A 14 -4.12 13.16 -31.00
C TYR A 14 -5.22 12.58 -30.11
N MET A 15 -5.44 11.25 -30.16
CA MET A 15 -6.39 10.63 -29.23
C MET A 15 -6.05 10.95 -27.79
N ALA A 16 -4.76 10.87 -27.45
CA ALA A 16 -4.36 11.22 -26.09
C ALA A 16 -4.65 12.67 -25.78
N ARG A 17 -4.50 13.56 -26.77
CA ARG A 17 -4.86 14.96 -26.54
C ARG A 17 -6.37 15.10 -26.28
N ALA A 18 -7.19 14.44 -27.07
CA ALA A 18 -8.62 14.55 -26.87
C ALA A 18 -9.05 13.89 -25.56
N LEU A 19 -8.35 12.83 -25.15
CA LEU A 19 -8.63 12.23 -23.84
C LEU A 19 -8.33 13.22 -22.73
N LYS A 20 -7.17 13.87 -22.80
CA LYS A 20 -6.84 14.86 -21.78
C LYS A 20 -7.87 15.98 -21.79
N LEU A 21 -8.28 16.42 -22.98
CA LEU A 21 -9.34 17.41 -23.07
C LEU A 21 -10.62 16.90 -22.42
N ALA A 22 -10.97 15.65 -22.73
CA ALA A 22 -12.20 15.09 -22.24
C ALA A 22 -12.24 15.10 -20.71
N ALA A 23 -11.12 14.81 -20.07
CA ALA A 23 -11.07 14.79 -18.62
C ALA A 23 -11.28 16.17 -18.01
N ARG A 24 -11.17 17.23 -18.81
CA ARG A 24 -11.27 18.59 -18.27
C ARG A 24 -12.67 18.92 -17.78
N GLY A 25 -13.67 18.12 -18.12
CA GLY A 25 -15.02 18.38 -17.65
C GLY A 25 -15.62 17.34 -16.75
N ARG A 26 -14.78 16.43 -16.21
CA ARG A 26 -15.19 15.28 -15.41
C ARG A 26 -15.91 15.70 -14.15
N PHE A 27 -15.82 16.97 -13.81
CA PHE A 27 -16.38 17.52 -12.59
C PHE A 27 -17.78 18.08 -12.78
N THR A 28 -18.08 18.60 -13.98
CA THR A 28 -19.34 19.26 -14.24
C THR A 28 -20.18 18.57 -15.30
N THR A 29 -19.73 17.43 -15.83
CA THR A 29 -20.35 16.83 -17.01
C THR A 29 -21.68 16.11 -16.74
N HIS A 30 -21.92 15.64 -15.51
CA HIS A 30 -23.02 14.70 -15.27
C HIS A 30 -24.37 15.34 -15.56
N PRO A 31 -25.34 14.58 -16.09
CA PRO A 31 -25.32 13.14 -16.38
C PRO A 31 -24.66 12.77 -17.69
N ASN A 32 -24.20 13.74 -18.46
CA ASN A 32 -23.53 13.44 -19.72
C ASN A 32 -22.15 12.86 -19.44
N PRO A 33 -21.59 12.11 -20.36
CA PRO A 33 -20.25 11.56 -20.18
C PRO A 33 -19.19 12.63 -20.43
N ASN A 34 -17.93 12.22 -20.36
CA ASN A 34 -16.81 13.09 -20.71
C ASN A 34 -16.35 12.73 -22.11
N VAL A 35 -16.30 13.73 -22.99
CA VAL A 35 -15.87 13.53 -24.37
C VAL A 35 -14.98 14.71 -24.77
N GLY A 36 -13.89 14.43 -25.47
CA GLY A 36 -13.02 15.45 -26.01
C GLY A 36 -12.89 15.27 -27.51
N CYS A 37 -12.65 16.38 -28.21
CA CYS A 37 -12.54 16.34 -29.65
C CYS A 37 -11.39 17.19 -30.16
N VAL A 38 -10.59 16.62 -31.06
CA VAL A 38 -9.48 17.29 -31.69
C VAL A 38 -9.60 17.11 -33.19
N ILE A 39 -9.61 18.23 -33.92
CA ILE A 39 -9.68 18.20 -35.38
C ILE A 39 -8.35 18.72 -35.90
N VAL A 40 -7.68 17.87 -36.68
CA VAL A 40 -6.39 18.24 -37.26
C VAL A 40 -6.59 18.35 -38.76
N LYS A 41 -5.95 19.36 -39.35
CA LYS A 41 -5.94 19.55 -40.79
C LYS A 41 -4.55 19.97 -41.21
N ASP A 42 -3.92 19.18 -42.06
CA ASP A 42 -2.55 19.42 -42.50
C ASP A 42 -1.63 19.61 -41.29
N GLY A 43 -1.75 18.68 -40.35
CA GLY A 43 -0.80 18.59 -39.26
C GLY A 43 -0.98 19.58 -38.15
N GLU A 44 -1.99 20.45 -38.22
CA GLU A 44 -2.26 21.43 -37.17
C GLU A 44 -3.62 21.14 -36.57
N ILE A 45 -3.69 21.16 -35.23
CA ILE A 45 -4.96 21.05 -34.52
C ILE A 45 -5.66 22.40 -34.64
N VAL A 46 -6.57 22.53 -35.61
CA VAL A 46 -7.32 23.75 -35.78
C VAL A 46 -8.63 23.74 -34.99
N GLY A 47 -8.94 22.64 -34.32
CA GLY A 47 -10.18 22.53 -33.55
C GLY A 47 -10.02 21.70 -32.28
N GLU A 48 -10.51 22.23 -31.16
CA GLU A 48 -10.43 21.53 -29.89
C GLU A 48 -11.72 21.78 -29.12
N GLY A 49 -12.07 20.82 -28.27
CA GLY A 49 -13.23 20.98 -27.43
C GLY A 49 -13.40 19.78 -26.52
N PHE A 50 -14.20 20.00 -25.48
CA PHE A 50 -14.61 18.97 -24.54
C PHE A 50 -15.97 19.37 -23.98
N HIS A 51 -16.80 18.38 -23.64
CA HIS A 51 -18.09 18.66 -23.00
C HIS A 51 -17.84 19.11 -21.58
N TYR A 52 -18.55 20.15 -21.14
CA TYR A 52 -18.38 20.71 -19.81
C TYR A 52 -19.60 20.53 -18.92
N ARG A 53 -20.77 20.99 -19.38
CA ARG A 53 -21.96 20.98 -18.56
C ARG A 53 -23.12 20.35 -19.32
N ALA A 54 -23.95 19.60 -18.60
CA ALA A 54 -25.11 18.97 -19.20
C ALA A 54 -26.11 20.02 -19.64
N GLY A 55 -26.51 19.96 -20.92
CA GLY A 55 -27.29 20.99 -21.55
C GLY A 55 -26.48 22.01 -22.34
N GLU A 56 -25.21 22.19 -21.99
CA GLU A 56 -24.32 23.05 -22.75
C GLU A 56 -23.91 22.31 -24.03
N PRO A 57 -23.28 23.01 -24.99
CA PRO A 57 -22.93 22.36 -26.26
C PRO A 57 -22.02 21.17 -26.08
N HIS A 58 -22.15 20.21 -26.99
CA HIS A 58 -21.28 19.05 -26.96
C HIS A 58 -19.86 19.44 -27.38
N ALA A 59 -18.94 18.47 -27.26
CA ALA A 59 -17.53 18.74 -27.54
C ALA A 59 -17.26 18.88 -29.04
N GLU A 60 -17.84 18.00 -29.87
CA GLU A 60 -17.58 18.09 -31.30
C GLU A 60 -18.03 19.44 -31.84
N VAL A 61 -19.15 19.95 -31.33
CA VAL A 61 -19.59 21.29 -31.72
C VAL A 61 -18.59 22.33 -31.24
N HIS A 62 -18.17 22.24 -29.97
CA HIS A 62 -17.17 23.18 -29.46
C HIS A 62 -15.95 23.21 -30.35
N ALA A 63 -15.53 22.05 -30.84
CA ALA A 63 -14.36 21.98 -31.70
C ALA A 63 -14.66 22.47 -33.11
N LEU A 64 -15.83 22.15 -33.65
CA LEU A 64 -16.18 22.64 -34.98
C LEU A 64 -16.30 24.16 -35.01
N ARG A 65 -16.85 24.74 -33.96
CA ARG A 65 -16.90 26.20 -33.84
C ARG A 65 -15.51 26.80 -33.82
N MET A 66 -14.52 26.06 -33.31
CA MET A 66 -13.14 26.55 -33.29
C MET A 66 -12.49 26.47 -34.68
N ALA A 67 -12.72 25.37 -35.41
CA ALA A 67 -12.07 25.16 -36.70
C ALA A 67 -12.71 25.99 -37.82
N GLY A 68 -14.02 26.19 -37.78
CA GLY A 68 -14.67 27.04 -38.76
C GLY A 68 -14.45 26.56 -40.18
N ASP A 69 -14.12 27.51 -41.06
CA ASP A 69 -13.86 27.17 -42.47
C ASP A 69 -12.72 26.17 -42.58
N LYS A 70 -11.77 26.20 -41.64
CA LYS A 70 -10.65 25.27 -41.65
C LYS A 70 -11.05 23.84 -41.28
N ALA A 71 -12.28 23.60 -40.80
CA ALA A 71 -12.71 22.24 -40.54
C ALA A 71 -12.85 21.42 -41.82
N LYS A 72 -13.03 22.08 -42.97
CA LYS A 72 -13.21 21.36 -44.22
C LYS A 72 -11.99 20.51 -44.55
N GLY A 73 -12.25 19.26 -44.94
CA GLY A 73 -11.18 18.35 -45.29
C GLY A 73 -10.20 18.10 -44.16
N ALA A 74 -10.69 18.02 -42.92
CA ALA A 74 -9.86 17.79 -41.76
C ALA A 74 -10.23 16.44 -41.14
N THR A 75 -9.50 16.08 -40.07
CA THR A 75 -9.62 14.78 -39.44
C THR A 75 -10.04 14.98 -37.98
N ALA A 76 -11.05 14.21 -37.55
CA ALA A 76 -11.63 14.35 -36.23
C ALA A 76 -11.23 13.18 -35.33
N TYR A 77 -10.68 13.49 -34.17
CA TYR A 77 -10.44 12.52 -33.11
C TYR A 77 -11.41 12.80 -31.97
N VAL A 78 -12.26 11.83 -31.64
CA VAL A 78 -13.23 11.95 -30.55
C VAL A 78 -13.03 10.79 -29.60
N THR A 79 -13.21 11.06 -28.30
CA THR A 79 -13.04 10.03 -27.27
C THR A 79 -14.20 9.06 -27.22
N LEU A 80 -15.32 9.39 -27.88
CA LEU A 80 -16.48 8.51 -27.95
C LEU A 80 -17.16 8.76 -29.28
N GLU A 81 -17.87 7.75 -29.77
CA GLU A 81 -18.54 7.87 -31.06
C GLU A 81 -19.47 9.07 -31.04
N PRO A 82 -19.40 9.96 -32.03
CA PRO A 82 -20.24 11.17 -31.99
C PRO A 82 -21.72 10.85 -32.14
N CYS A 83 -22.53 11.62 -31.44
CA CYS A 83 -23.97 11.39 -31.32
C CYS A 83 -24.70 11.64 -32.61
N PRO A 91 -27.99 15.88 -33.37
CA PRO A 91 -26.87 14.96 -33.23
C PRO A 91 -25.57 15.62 -33.52
N CYS A 92 -24.50 15.22 -32.79
CA CYS A 92 -23.15 15.66 -33.14
C CYS A 92 -22.67 15.02 -34.44
N CYS A 93 -23.31 13.94 -34.86
CA CYS A 93 -22.90 13.28 -36.10
C CYS A 93 -23.17 14.16 -37.31
N ASP A 94 -24.30 14.87 -37.32
CA ASP A 94 -24.66 15.62 -38.53
C ASP A 94 -23.73 16.82 -38.73
N ALA A 95 -23.44 17.57 -37.66
CA ALA A 95 -22.56 18.73 -37.81
C ALA A 95 -21.21 18.31 -38.34
N LEU A 96 -20.78 17.09 -38.01
CA LEU A 96 -19.57 16.52 -38.59
C LEU A 96 -19.69 16.40 -40.10
N ILE A 97 -20.78 15.79 -40.58
CA ILE A 97 -21.00 15.68 -42.01
C ILE A 97 -21.21 17.06 -42.63
N ALA A 98 -21.98 17.90 -41.94
CA ALA A 98 -22.23 19.25 -42.45
C ALA A 98 -20.97 20.08 -42.52
N ALA A 99 -19.93 19.72 -41.78
CA ALA A 99 -18.68 20.47 -41.84
C ALA A 99 -17.71 19.92 -42.88
N GLY A 100 -18.03 18.81 -43.55
CA GLY A 100 -17.14 18.28 -44.57
C GLY A 100 -15.84 17.71 -44.03
N VAL A 101 -15.92 16.60 -43.32
CA VAL A 101 -14.77 15.97 -42.68
C VAL A 101 -14.68 14.53 -43.16
N ALA A 102 -13.47 14.09 -43.50
CA ALA A 102 -13.21 12.69 -43.80
C ALA A 102 -12.42 12.06 -42.66
N ARG A 103 -12.50 10.72 -42.55
CA ARG A 103 -11.69 9.96 -41.61
C ARG A 103 -11.96 10.39 -40.17
N VAL A 104 -13.11 9.96 -39.66
CA VAL A 104 -13.38 10.11 -38.23
C VAL A 104 -12.73 8.96 -37.47
N VAL A 105 -12.01 9.29 -36.41
CA VAL A 105 -11.41 8.31 -35.51
C VAL A 105 -12.13 8.38 -34.17
N ALA A 106 -12.71 7.25 -33.76
CA ALA A 106 -13.46 7.15 -32.52
C ALA A 106 -12.78 6.15 -31.59
N ALA A 107 -12.62 6.54 -30.33
CA ALA A 107 -11.98 5.66 -29.35
C ALA A 107 -12.81 4.42 -29.10
N MET A 108 -14.13 4.57 -28.98
CA MET A 108 -14.99 3.45 -28.66
C MET A 108 -16.37 3.69 -29.24
N GLN A 109 -17.16 2.62 -29.32
CA GLN A 109 -18.55 2.75 -29.75
C GLN A 109 -19.41 3.20 -28.57
N ASP A 110 -20.58 3.74 -28.90
CA ASP A 110 -21.48 4.16 -27.85
C ASP A 110 -22.13 2.94 -27.20
N PRO A 111 -22.26 2.93 -25.88
CA PRO A 111 -22.85 1.79 -25.18
C PRO A 111 -24.37 1.79 -25.20
N ASN A 112 -24.98 2.80 -25.80
CA ASN A 112 -26.43 2.86 -25.97
C ASN A 112 -26.84 1.68 -26.85
N PRO A 113 -28.15 1.37 -26.99
CA PRO A 113 -28.65 0.20 -27.75
C PRO A 113 -27.84 -0.23 -28.98
N ALA A 116 -26.08 1.37 -31.52
CA ALA A 116 -24.80 1.99 -31.15
C ALA A 116 -24.12 2.54 -32.38
N GLY A 117 -23.56 1.64 -33.19
CA GLY A 117 -22.76 2.00 -34.34
C GLY A 117 -23.47 2.82 -35.40
N ARG A 118 -24.73 3.19 -35.14
CA ARG A 118 -25.47 4.04 -36.06
C ARG A 118 -24.69 5.30 -36.42
N GLY A 119 -24.06 5.92 -35.42
CA GLY A 119 -23.25 7.09 -35.70
C GLY A 119 -22.11 6.81 -36.66
N LEU A 120 -21.47 5.65 -36.51
CA LEU A 120 -20.45 5.24 -37.48
C LEU A 120 -21.06 4.95 -38.84
N TYR A 121 -22.25 4.36 -38.87
CA TYR A 121 -22.95 4.10 -40.13
C TYR A 121 -23.24 5.40 -40.87
N ARG A 122 -23.71 6.42 -40.15
CA ARG A 122 -24.03 7.70 -40.79
C ARG A 122 -22.80 8.33 -41.43
N LEU A 123 -21.60 7.89 -41.04
CA LEU A 123 -20.38 8.33 -41.69
C LEU A 123 -19.81 7.28 -42.63
N GLN A 124 -19.97 6.00 -42.29
CA GLN A 124 -19.45 4.93 -43.14
C GLN A 124 -20.10 4.95 -44.52
N GLN A 125 -21.42 5.13 -44.56
CA GLN A 125 -22.16 5.13 -45.82
C GLN A 125 -22.30 6.51 -46.44
N ALA A 126 -21.88 7.56 -45.74
CA ALA A 126 -21.89 8.92 -46.28
C ALA A 126 -20.54 9.31 -46.85
N GLY A 127 -19.66 8.33 -47.10
CA GLY A 127 -18.39 8.58 -47.74
C GLY A 127 -17.24 8.88 -46.81
N ILE A 128 -17.48 8.94 -45.50
CA ILE A 128 -16.45 9.28 -44.54
C ILE A 128 -15.78 8.00 -44.04
N ASP A 129 -14.46 8.02 -43.96
CA ASP A 129 -13.73 6.91 -43.36
C ASP A 129 -13.91 6.91 -41.84
N VAL A 130 -13.90 5.72 -41.26
CA VAL A 130 -14.11 5.54 -39.82
C VAL A 130 -13.08 4.56 -39.30
N SER A 131 -12.92 4.56 -37.97
CA SER A 131 -12.09 3.58 -37.28
C SER A 131 -12.47 3.61 -35.81
N HIS A 132 -12.25 2.47 -35.15
CA HIS A 132 -12.69 2.30 -33.78
C HIS A 132 -11.67 1.50 -32.99
N GLY A 133 -11.46 1.91 -31.74
CA GLY A 133 -10.65 1.17 -30.80
C GLY A 133 -9.40 1.86 -30.31
N LEU A 134 -8.99 2.97 -30.95
CA LEU A 134 -7.75 3.64 -30.56
C LEU A 134 -7.78 4.08 -29.10
N MET A 135 -6.90 3.49 -28.29
CA MET A 135 -6.82 3.74 -26.85
C MET A 135 -8.21 3.53 -26.21
N MET A 136 -8.86 2.45 -26.62
CA MET A 136 -10.22 2.17 -26.16
C MET A 136 -10.28 2.02 -24.64
N ASN A 137 -9.29 1.36 -24.05
CA ASN A 137 -9.33 1.14 -22.61
C ASN A 137 -9.28 2.46 -21.85
N GLU A 138 -8.42 3.39 -22.28
CA GLU A 138 -8.32 4.67 -21.59
C GLU A 138 -9.62 5.46 -21.71
N ALA A 139 -10.27 5.41 -22.88
CA ALA A 139 -11.56 6.08 -23.03
C ALA A 139 -12.62 5.48 -22.11
N GLU A 140 -12.63 4.15 -21.99
CA GLU A 140 -13.59 3.49 -21.12
C GLU A 140 -13.39 3.87 -19.66
N ALA A 141 -12.15 4.18 -19.28
CA ALA A 141 -11.84 4.54 -17.91
C ALA A 141 -12.35 5.93 -17.54
N LEU A 142 -12.67 6.76 -18.53
CA LEU A 142 -13.02 8.16 -18.28
C LEU A 142 -14.49 8.37 -17.99
N ASN A 143 -15.34 7.36 -18.29
CA ASN A 143 -16.78 7.42 -17.99
C ASN A 143 -17.25 6.09 -17.42
N LYS A 144 -16.55 5.57 -16.41
CA LYS A 144 -16.90 4.27 -15.83
C LYS A 144 -18.38 4.20 -15.47
N GLY A 145 -18.92 5.25 -14.87
CA GLY A 145 -20.33 5.25 -14.52
C GLY A 145 -21.25 5.26 -15.74
N PHE A 146 -21.01 6.19 -16.66
CA PHE A 146 -21.90 6.33 -17.81
C PHE A 146 -21.90 5.08 -18.66
N LEU A 147 -20.74 4.46 -18.87
CA LEU A 147 -20.70 3.26 -19.71
C LEU A 147 -21.41 2.11 -19.04
N LYS A 148 -21.23 1.96 -17.72
CA LYS A 148 -21.94 0.90 -17.02
C LYS A 148 -23.45 1.12 -17.09
N ARG A 149 -23.89 2.34 -16.85
CA ARG A 149 -25.32 2.61 -16.84
C ARG A 149 -25.93 2.34 -18.21
N MET A 150 -25.25 2.78 -19.27
CA MET A 150 -25.72 2.53 -20.63
C MET A 150 -25.67 1.05 -20.99
N ARG A 151 -24.83 0.26 -20.33
CA ARG A 151 -24.70 -1.15 -20.61
C ARG A 151 -25.55 -2.06 -19.72
N THR A 152 -25.76 -1.68 -18.47
CA THR A 152 -26.48 -2.54 -17.53
C THR A 152 -27.64 -1.85 -16.85
N GLY A 153 -27.73 -0.52 -16.94
CA GLY A 153 -28.74 0.20 -16.23
C GLY A 153 -28.40 0.56 -14.79
N PHE A 154 -27.20 0.20 -14.31
CA PHE A 154 -26.73 0.39 -12.94
C PHE A 154 -25.61 1.42 -12.87
N PRO A 155 -25.54 2.20 -11.80
CA PRO A 155 -24.48 3.20 -11.66
C PRO A 155 -23.18 2.53 -11.27
N TRP A 156 -22.10 3.27 -11.44
CA TRP A 156 -20.80 2.82 -10.93
C TRP A 156 -20.72 3.23 -9.46
N ILE A 157 -20.49 2.24 -8.60
CA ILE A 157 -20.57 2.42 -7.15
C ILE A 157 -19.17 2.43 -6.57
N GLN A 158 -18.79 3.56 -5.99
CA GLN A 158 -17.52 3.70 -5.27
C GLN A 158 -17.79 3.69 -3.77
N LEU A 159 -17.21 2.72 -3.07
CA LEU A 159 -17.29 2.63 -1.63
C LEU A 159 -16.02 3.23 -1.04
N LYS A 160 -16.16 4.30 -0.28
CA LYS A 160 -15.02 4.90 0.41
C LYS A 160 -14.93 4.34 1.82
N MET A 161 -13.73 3.96 2.20
CA MET A 161 -13.44 3.55 3.57
C MET A 161 -12.19 4.29 4.05
N GLY A 162 -12.25 4.82 5.26
CA GLY A 162 -11.07 5.40 5.88
C GLY A 162 -10.83 4.84 7.27
N ALA A 163 -9.73 4.12 7.46
CA ALA A 163 -9.52 3.38 8.70
C ALA A 163 -8.06 3.44 9.12
N SER A 164 -7.84 3.08 10.38
CA SER A 164 -6.50 3.00 10.94
C SER A 164 -5.76 1.82 10.31
N LEU A 165 -4.55 1.56 10.79
CA LEU A 165 -3.75 0.48 10.21
C LEU A 165 -4.42 -0.87 10.40
N ASP A 166 -5.09 -1.08 11.53
CA ASP A 166 -5.84 -2.32 11.76
C ASP A 166 -7.31 -2.20 11.37
N GLY A 167 -7.62 -1.66 10.20
CA GLY A 167 -8.99 -1.65 9.70
C GLY A 167 -10.05 -1.09 10.61
N ARG A 168 -9.68 -0.15 11.47
CA ARG A 168 -10.56 0.37 12.50
C ARG A 168 -11.03 1.78 12.13
N THR A 169 -12.34 2.00 12.19
CA THR A 169 -12.95 3.31 12.06
C THR A 169 -13.62 3.62 13.39
N ALA A 170 -13.26 4.76 13.98
CA ALA A 170 -13.76 5.13 15.32
C ALA A 170 -13.38 4.12 16.41
N MET A 171 -13.58 4.51 17.66
CA MET A 171 -13.35 3.62 18.79
C MET A 171 -14.68 3.10 19.32
N ALA A 172 -14.61 2.27 20.37
CA ALA A 172 -15.83 1.75 20.97
C ALA A 172 -16.71 2.88 21.50
N SER A 173 -16.10 4.01 21.90
CA SER A 173 -16.86 5.18 22.30
C SER A 173 -17.61 5.81 21.12
N GLY A 174 -17.02 5.76 19.93
CA GLY A 174 -17.59 6.40 18.77
C GLY A 174 -16.92 7.68 18.36
N GLU A 175 -15.68 7.92 18.78
CA GLU A 175 -14.99 9.17 18.50
C GLU A 175 -14.82 9.43 17.00
N SER A 176 -13.99 8.63 16.35
CA SER A 176 -13.66 8.74 14.93
C SER A 176 -13.07 10.08 14.54
N GLN A 177 -12.78 10.95 15.50
CA GLN A 177 -12.46 12.35 15.18
C GLN A 177 -11.05 12.46 14.65
N TRP A 178 -10.94 12.50 13.32
CA TRP A 178 -9.71 12.75 12.58
C TRP A 178 -8.68 11.64 12.84
N ILE A 179 -9.06 10.43 12.40
CA ILE A 179 -8.08 9.38 12.15
C ILE A 179 -7.29 9.68 10.89
N THR A 180 -7.96 10.16 9.84
CA THR A 180 -7.33 10.46 8.56
C THR A 180 -6.72 11.86 8.58
N SER A 181 -5.74 12.05 7.71
CA SER A 181 -5.05 13.32 7.59
C SER A 181 -5.95 14.40 6.98
N PRO A 182 -5.65 15.67 7.23
CA PRO A 182 -6.28 16.73 6.44
C PRO A 182 -5.97 16.62 4.95
N GLN A 183 -4.80 16.10 4.56
CA GLN A 183 -4.55 15.86 3.14
C GLN A 183 -5.53 14.84 2.57
N ALA A 184 -5.79 13.76 3.31
CA ALA A 184 -6.71 12.74 2.82
C ALA A 184 -8.15 13.24 2.73
N ARG A 185 -8.55 14.15 3.62
CA ARG A 185 -9.87 14.74 3.50
C ARG A 185 -10.00 15.55 2.22
N ARG A 186 -8.97 16.33 1.88
CA ARG A 186 -9.01 17.11 0.64
C ARG A 186 -9.03 16.20 -0.58
N ASP A 187 -8.32 15.07 -0.50
CA ASP A 187 -8.39 14.09 -1.57
C ASP A 187 -9.82 13.58 -1.75
N VAL A 188 -10.49 13.25 -0.64
CA VAL A 188 -11.87 12.78 -0.70
C VAL A 188 -12.74 13.80 -1.42
N GLN A 189 -12.59 15.08 -1.07
CA GLN A 189 -13.39 16.12 -1.71
C GLN A 189 -13.18 16.14 -3.22
N ARG A 190 -11.94 15.89 -3.67
CA ARG A 190 -11.68 15.77 -5.11
C ARG A 190 -12.46 14.62 -5.71
N LEU A 191 -12.43 13.46 -5.04
CA LEU A 191 -13.18 12.31 -5.53
C LEU A 191 -14.68 12.52 -5.41
N ARG A 192 -15.10 13.29 -4.40
CA ARG A 192 -16.51 13.64 -4.29
C ARG A 192 -16.95 14.54 -5.44
N ALA A 193 -16.10 15.48 -5.85
CA ALA A 193 -16.52 16.53 -6.77
C ALA A 193 -16.72 16.04 -8.19
N GLN A 194 -16.18 14.87 -8.54
CA GLN A 194 -16.43 14.29 -9.86
C GLN A 194 -17.44 13.16 -9.82
N SER A 195 -17.91 12.79 -8.63
CA SER A 195 -18.98 11.82 -8.52
C SER A 195 -20.30 12.47 -8.88
N HIS A 196 -21.15 11.73 -9.58
CA HIS A 196 -22.46 12.25 -9.91
C HIS A 196 -23.27 12.50 -8.64
N ALA A 197 -23.31 11.50 -7.76
CA ALA A 197 -24.14 11.53 -6.58
C ALA A 197 -23.36 10.96 -5.41
N ILE A 198 -23.79 11.33 -4.19
CA ILE A 198 -23.16 10.89 -2.96
C ILE A 198 -24.24 10.24 -2.09
N LEU A 199 -24.00 9.00 -1.69
CA LEU A 199 -24.98 8.21 -0.96
C LEU A 199 -24.49 7.92 0.46
N THR A 200 -25.42 7.93 1.42
CA THR A 200 -25.15 7.55 2.79
C THR A 200 -26.39 6.92 3.39
N SER A 201 -26.27 6.44 4.62
CA SER A 201 -27.40 5.86 5.33
C SER A 201 -27.87 6.78 6.44
N SER A 202 -29.15 6.63 6.79
CA SER A 202 -29.71 7.37 7.91
C SER A 202 -28.86 7.20 9.17
N ALA A 203 -28.37 5.98 9.40
CA ALA A 203 -27.54 5.73 10.59
C ALA A 203 -26.37 6.71 10.64
N THR A 204 -25.71 6.93 9.51
CA THR A 204 -24.63 7.90 9.49
C THR A 204 -25.16 9.32 9.67
N VAL A 205 -26.32 9.62 9.09
CA VAL A 205 -26.86 10.99 9.22
C VAL A 205 -27.18 11.29 10.68
N LEU A 206 -27.77 10.31 11.39
CA LEU A 206 -28.15 10.53 12.78
C LEU A 206 -26.93 10.64 13.69
N ALA A 207 -25.88 9.89 13.41
CA ALA A 207 -24.73 9.89 14.31
C ALA A 207 -23.92 11.18 14.20
N ASP A 208 -23.78 11.73 12.99
CA ASP A 208 -22.85 12.82 12.73
C ASP A 208 -23.51 14.14 12.35
N ASP A 209 -24.79 14.13 11.98
CA ASP A 209 -25.47 15.26 11.34
C ASP A 209 -24.57 15.88 10.26
N PRO A 210 -24.22 15.12 9.23
CA PRO A 210 -23.26 15.62 8.23
C PRO A 210 -23.95 16.48 7.17
N ALA A 211 -23.12 17.17 6.41
CA ALA A 211 -23.57 17.99 5.29
C ALA A 211 -23.37 17.32 3.94
N LEU A 212 -22.31 16.53 3.81
CA LEU A 212 -21.99 15.81 2.57
C LEU A 212 -22.02 16.74 1.37
N THR A 213 -21.22 17.79 1.46
CA THR A 213 -21.10 18.78 0.42
C THR A 213 -19.68 18.84 -0.12
N VAL A 214 -19.56 19.09 -1.42
CA VAL A 214 -18.25 19.34 -2.00
C VAL A 214 -17.81 20.73 -1.59
N ARG A 215 -16.71 20.81 -0.86
CA ARG A 215 -16.22 22.07 -0.30
C ARG A 215 -15.08 22.57 -1.19
N TRP A 216 -15.38 23.54 -2.04
CA TRP A 216 -14.35 24.13 -2.91
C TRP A 216 -13.21 24.67 -2.07
N GLN A 217 -13.50 25.16 -0.87
CA GLN A 217 -12.45 25.59 0.05
C GLN A 217 -11.58 24.41 0.49
N GLU A 218 -12.11 23.19 0.43
CA GLU A 218 -11.38 22.00 0.83
C GLU A 218 -10.81 21.26 -0.39
N LEU A 219 -10.71 21.91 -1.53
CA LEU A 219 -10.12 21.33 -2.73
C LEU A 219 -8.68 21.83 -2.87
N SER A 220 -7.74 20.91 -3.03
CA SER A 220 -6.34 21.29 -3.16
C SER A 220 -6.14 22.17 -4.39
N ALA A 221 -5.20 23.12 -4.28
CA ALA A 221 -5.02 24.11 -5.34
C ALA A 221 -4.74 23.45 -6.69
N ASP A 222 -4.23 22.23 -6.66
CA ASP A 222 -4.06 21.52 -7.95
C ASP A 222 -5.45 21.32 -8.56
N THR A 223 -6.40 20.83 -7.77
CA THR A 223 -7.73 20.59 -8.30
C THR A 223 -8.52 21.88 -8.49
N GLN A 224 -8.25 22.92 -7.70
CA GLN A 224 -9.00 24.17 -7.86
C GLN A 224 -8.69 24.83 -9.20
N ALA A 225 -7.50 24.58 -9.75
CA ALA A 225 -7.18 25.07 -11.09
C ALA A 225 -8.24 24.62 -12.09
N LEU A 226 -8.68 23.37 -11.99
CA LEU A 226 -9.73 22.87 -12.86
C LEU A 226 -11.08 23.47 -12.50
N TYR A 227 -11.50 23.33 -11.24
CA TYR A 227 -12.83 23.74 -10.82
C TYR A 227 -12.86 25.23 -10.53
N PRO A 228 -13.56 26.03 -11.31
CA PRO A 228 -13.84 27.41 -10.87
C PRO A 228 -14.94 27.42 -9.83
N GLN A 229 -14.77 28.30 -8.84
CA GLN A 229 -15.69 28.35 -7.71
C GLN A 229 -17.13 28.61 -8.16
N GLU A 230 -17.32 29.58 -9.05
CA GLU A 230 -18.65 29.96 -9.54
C GLU A 230 -19.28 28.87 -10.40
N ASN A 231 -18.54 27.82 -10.71
CA ASN A 231 -19.02 26.77 -11.60
C ASN A 231 -19.32 25.47 -10.85
N LEU A 232 -19.57 25.55 -9.54
CA LEU A 232 -19.57 24.33 -8.74
C LEU A 232 -20.88 23.59 -8.94
N ARG A 233 -20.77 22.31 -9.29
CA ARG A 233 -21.92 21.41 -9.41
C ARG A 233 -21.93 20.50 -8.18
N GLN A 234 -22.92 20.67 -7.32
CA GLN A 234 -23.02 19.81 -6.14
C GLN A 234 -23.53 18.44 -6.55
N PRO A 235 -22.88 17.36 -6.12
CA PRO A 235 -23.40 16.04 -6.43
C PRO A 235 -24.76 15.84 -5.79
N LEU A 236 -25.62 15.09 -6.47
CA LEU A 236 -26.88 14.72 -5.85
C LEU A 236 -26.61 13.98 -4.56
N ARG A 237 -27.36 14.31 -3.52
CA ARG A 237 -27.22 13.67 -2.22
C ARG A 237 -28.32 12.62 -2.05
N ILE A 238 -27.93 11.41 -1.67
CA ILE A 238 -28.88 10.31 -1.52
C ILE A 238 -28.77 9.78 -0.10
N VAL A 239 -29.89 9.75 0.61
CA VAL A 239 -29.94 9.20 1.96
C VAL A 239 -30.88 8.01 1.95
N ILE A 240 -30.35 6.84 2.25
CA ILE A 240 -31.16 5.65 2.44
C ILE A 240 -31.75 5.72 3.83
N ASP A 241 -33.05 5.97 3.93
CA ASP A 241 -33.75 6.09 5.21
C ASP A 241 -34.97 5.18 5.15
N SER A 242 -34.76 3.89 5.37
CA SER A 242 -35.82 2.92 5.14
C SER A 242 -36.88 2.97 6.21
N GLN A 243 -36.60 3.62 7.34
CA GLN A 243 -37.61 3.83 8.36
C GLN A 243 -37.88 5.29 8.63
N ASN A 244 -37.42 6.19 7.75
CA ASN A 244 -37.75 7.61 7.83
C ASN A 244 -37.36 8.20 9.17
N ARG A 245 -36.10 7.97 9.55
CA ARG A 245 -35.66 8.48 10.84
C ARG A 245 -34.98 9.84 10.74
N VAL A 246 -34.45 10.21 9.58
CA VAL A 246 -33.90 11.56 9.44
C VAL A 246 -35.04 12.56 9.49
N THR A 247 -34.79 13.71 10.15
CA THR A 247 -35.72 14.81 10.31
C THR A 247 -35.36 15.96 9.39
N PRO A 248 -36.31 16.86 9.11
CA PRO A 248 -35.96 18.03 8.31
C PRO A 248 -35.18 19.09 9.09
N GLU A 249 -34.76 18.78 10.32
CA GLU A 249 -33.85 19.67 11.01
C GLU A 249 -32.39 19.32 10.77
N HIS A 250 -32.13 18.21 10.10
CA HIS A 250 -30.76 17.73 9.92
C HIS A 250 -30.03 18.59 8.89
N ARG A 251 -28.70 18.64 9.03
CA ARG A 251 -27.91 19.51 8.18
C ARG A 251 -28.09 19.17 6.71
N ILE A 252 -28.14 17.88 6.38
CA ILE A 252 -28.00 17.44 4.99
C ILE A 252 -29.12 18.00 4.10
N ILE A 253 -30.33 18.17 4.64
CA ILE A 253 -31.39 18.70 3.79
C ILE A 253 -31.31 20.21 3.63
N GLN A 254 -30.62 20.91 4.54
CA GLN A 254 -30.50 22.37 4.47
C GLN A 254 -29.21 22.79 3.77
N GLN A 255 -29.02 22.34 2.52
CA GLN A 255 -27.78 22.60 1.81
C GLN A 255 -28.08 22.85 0.33
N GLN A 256 -27.08 23.39 -0.36
CA GLN A 256 -27.16 23.61 -1.80
C GLN A 256 -27.45 22.30 -2.52
N GLY A 257 -28.34 22.35 -3.50
CA GLY A 257 -28.57 21.20 -4.34
C GLY A 257 -29.64 20.26 -3.82
N GLU A 258 -29.85 19.19 -4.57
CA GLU A 258 -30.95 18.27 -4.33
C GLU A 258 -30.58 17.20 -3.30
N THR A 259 -31.60 16.69 -2.63
CA THR A 259 -31.46 15.56 -1.72
C THR A 259 -32.52 14.54 -2.06
N LEU A 260 -32.11 13.29 -2.25
CA LEU A 260 -33.02 12.22 -2.61
C LEU A 260 -33.05 11.21 -1.47
N PHE A 261 -34.25 10.93 -0.97
CA PHE A 261 -34.43 10.02 0.16
C PHE A 261 -34.94 8.68 -0.37
N ALA A 262 -34.16 7.62 -0.14
CA ALA A 262 -34.61 6.27 -0.46
C ALA A 262 -35.50 5.81 0.69
N ARG A 263 -36.79 6.13 0.58
CA ARG A 263 -37.75 5.69 1.58
C ARG A 263 -38.44 4.41 1.11
N THR A 264 -39.04 3.71 2.07
CA THR A 264 -39.90 2.58 1.75
C THR A 264 -41.37 2.98 1.67
N HIS A 265 -41.84 3.83 2.58
CA HIS A 265 -43.15 4.45 2.49
C HIS A 265 -43.01 5.96 2.69
N ALA A 266 -43.87 6.73 2.00
CA ALA A 266 -43.67 8.17 1.93
C ALA A 266 -43.81 8.81 3.30
N ASP A 267 -42.82 9.63 3.66
CA ASP A 267 -42.87 10.45 4.86
C ASP A 267 -43.98 11.49 4.71
N GLU A 268 -44.61 11.84 5.82
CA GLU A 268 -45.76 12.72 5.79
C GLU A 268 -45.44 14.15 6.21
N ARG A 269 -44.20 14.42 6.63
CA ARG A 269 -43.80 15.76 7.03
C ARG A 269 -43.64 16.65 5.80
N ALA A 270 -43.37 17.93 6.05
CA ALA A 270 -43.06 18.88 5.01
C ALA A 270 -41.55 19.07 4.94
N TRP A 271 -40.99 18.99 3.75
CA TRP A 271 -39.56 19.10 3.55
C TRP A 271 -39.26 20.25 2.60
N PRO A 272 -38.02 20.77 2.61
CA PRO A 272 -37.62 21.81 1.65
C PRO A 272 -37.88 21.42 0.21
N ASP A 273 -37.88 22.41 -0.68
CA ASP A 273 -38.18 22.18 -2.08
C ASP A 273 -37.12 21.30 -2.76
N ASN A 274 -35.88 21.32 -2.25
CA ASN A 274 -34.80 20.57 -2.89
C ASN A 274 -34.77 19.11 -2.49
N VAL A 275 -35.71 18.70 -1.63
CA VAL A 275 -35.77 17.36 -1.10
C VAL A 275 -36.82 16.59 -1.88
N ARG A 276 -36.47 15.39 -2.31
CA ARG A 276 -37.42 14.50 -2.96
C ARG A 276 -37.13 13.08 -2.49
N THR A 277 -38.13 12.21 -2.59
CA THR A 277 -37.99 10.85 -2.09
C THR A 277 -38.12 9.84 -3.21
N LEU A 278 -37.44 8.70 -3.06
CA LEU A 278 -37.52 7.60 -4.00
C LEU A 278 -38.04 6.39 -3.25
N LEU A 279 -39.16 5.83 -3.72
CA LEU A 279 -39.81 4.70 -3.05
C LEU A 279 -39.26 3.40 -3.62
N VAL A 280 -38.68 2.59 -2.74
CA VAL A 280 -37.99 1.37 -3.14
C VAL A 280 -38.78 0.19 -2.56
N PRO A 281 -39.10 -0.82 -3.36
CA PRO A 281 -39.76 -2.01 -2.82
C PRO A 281 -38.92 -2.63 -1.71
N GLU A 282 -39.61 -3.20 -0.72
CA GLU A 282 -38.90 -3.99 0.27
C GLU A 282 -38.52 -5.34 -0.31
N HIS A 283 -37.67 -6.07 0.42
CA HIS A 283 -37.45 -7.48 0.16
C HIS A 283 -37.04 -8.12 1.46
N ASN A 284 -37.90 -9.00 1.98
CA ASN A 284 -37.73 -9.62 3.29
C ASN A 284 -37.64 -8.57 4.38
N GLY A 285 -38.45 -7.53 4.26
CA GLY A 285 -38.61 -6.54 5.31
C GLY A 285 -37.66 -5.36 5.24
N HIS A 286 -36.50 -5.51 4.59
CA HIS A 286 -35.62 -4.36 4.40
C HIS A 286 -35.77 -3.84 2.98
N LEU A 287 -35.28 -2.61 2.80
CA LEU A 287 -35.22 -2.01 1.46
C LEU A 287 -34.34 -2.86 0.55
N ASP A 288 -34.75 -2.98 -0.71
CA ASP A 288 -34.00 -3.75 -1.71
C ASP A 288 -32.96 -2.84 -2.35
N LEU A 289 -31.69 -3.04 -1.97
CA LEU A 289 -30.63 -2.19 -2.49
C LEU A 289 -30.46 -2.37 -3.99
N VAL A 290 -30.59 -3.60 -4.48
CA VAL A 290 -30.46 -3.87 -5.91
C VAL A 290 -31.49 -3.06 -6.70
N LEU A 291 -32.75 -3.10 -6.27
CA LEU A 291 -33.76 -2.33 -6.98
C LEU A 291 -33.47 -0.84 -6.89
N LEU A 292 -32.95 -0.39 -5.74
CA LEU A 292 -32.64 1.03 -5.58
C LEU A 292 -31.67 1.48 -6.66
N MET A 293 -30.57 0.74 -6.84
CA MET A 293 -29.63 1.06 -7.88
C MET A 293 -30.29 1.03 -9.25
N MET A 294 -31.13 0.02 -9.49
CA MET A 294 -31.79 -0.11 -10.78
C MET A 294 -32.66 1.09 -11.08
N GLN A 295 -33.42 1.56 -10.10
CA GLN A 295 -34.23 2.77 -10.29
C GLN A 295 -33.33 4.00 -10.44
N LEU A 296 -32.24 4.06 -9.68
CA LEU A 296 -31.35 5.20 -9.76
C LEU A 296 -30.73 5.31 -11.15
N GLY A 297 -30.47 4.18 -11.81
CA GLY A 297 -30.04 4.22 -13.19
C GLY A 297 -31.08 4.83 -14.12
N LYS A 298 -32.36 4.51 -13.88
CA LYS A 298 -33.44 5.10 -14.65
C LYS A 298 -33.50 6.62 -14.47
N GLN A 299 -33.13 7.13 -13.29
CA GLN A 299 -33.00 8.56 -13.04
C GLN A 299 -31.70 9.15 -13.62
N GLN A 300 -30.93 8.35 -14.37
CA GLN A 300 -29.77 8.81 -15.12
C GLN A 300 -28.55 9.07 -14.23
N VAL A 301 -28.47 8.43 -13.07
CA VAL A 301 -27.34 8.63 -12.17
C VAL A 301 -26.17 7.77 -12.65
N ASN A 302 -25.05 8.42 -13.01
CA ASN A 302 -23.90 7.71 -13.57
C ASN A 302 -23.08 7.01 -12.48
N SER A 303 -22.61 7.78 -11.51
CA SER A 303 -21.68 7.28 -10.51
C SER A 303 -22.12 7.72 -9.12
N ILE A 304 -21.94 6.85 -8.13
CA ILE A 304 -22.35 7.12 -6.76
C ILE A 304 -21.13 6.97 -5.85
N TRP A 305 -20.88 7.99 -5.03
CA TRP A 305 -19.84 7.98 -4.02
C TRP A 305 -20.45 7.66 -2.67
N VAL A 306 -20.04 6.55 -2.06
CA VAL A 306 -20.75 5.98 -0.91
C VAL A 306 -19.94 6.22 0.36
N GLU A 307 -20.47 7.07 1.25
CA GLU A 307 -19.89 7.29 2.58
C GLU A 307 -20.82 6.62 3.57
N ALA A 308 -20.37 5.49 4.12
CA ALA A 308 -21.27 4.63 4.89
C ALA A 308 -20.51 3.93 6.00
N GLY A 309 -21.23 3.63 7.07
CA GLY A 309 -20.67 2.90 8.18
C GLY A 309 -20.66 1.40 7.91
N PRO A 310 -20.27 0.62 8.91
CA PRO A 310 -20.12 -0.84 8.69
C PRO A 310 -21.38 -1.51 8.18
N THR A 311 -22.57 -1.13 8.65
CA THR A 311 -23.76 -1.88 8.29
C THR A 311 -24.10 -1.68 6.82
N LEU A 312 -24.15 -0.43 6.35
CA LEU A 312 -24.48 -0.23 4.95
C LEU A 312 -23.41 -0.80 4.05
N ALA A 313 -22.14 -0.61 4.40
CA ALA A 313 -21.03 -1.00 3.52
C ALA A 313 -21.05 -2.50 3.28
N GLY A 314 -21.22 -3.29 4.34
CA GLY A 314 -21.28 -4.73 4.16
C GLY A 314 -22.48 -5.13 3.33
N ALA A 315 -23.60 -4.45 3.53
CA ALA A 315 -24.83 -4.78 2.81
C ALA A 315 -24.67 -4.59 1.31
N LEU A 316 -24.04 -3.50 0.89
CA LEU A 316 -23.72 -3.31 -0.52
C LEU A 316 -22.78 -4.39 -1.02
N LEU A 317 -21.71 -4.67 -0.26
CA LEU A 317 -20.77 -5.70 -0.68
C LEU A 317 -21.48 -7.04 -0.81
N GLN A 318 -22.24 -7.43 0.21
CA GLN A 318 -22.91 -8.73 0.18
C GLN A 318 -23.94 -8.79 -0.95
N ALA A 319 -24.51 -7.64 -1.31
CA ALA A 319 -25.38 -7.60 -2.48
C ALA A 319 -24.61 -7.70 -3.79
N GLY A 320 -23.29 -7.52 -3.75
CA GLY A 320 -22.51 -7.45 -4.96
C GLY A 320 -22.62 -6.15 -5.73
N LEU A 321 -22.95 -5.05 -5.06
CA LEU A 321 -23.16 -3.77 -5.73
C LEU A 321 -21.94 -2.86 -5.74
N VAL A 322 -20.85 -3.23 -5.08
CA VAL A 322 -19.69 -2.33 -4.99
C VAL A 322 -18.76 -2.58 -6.17
N ASP A 323 -18.58 -1.57 -7.01
CA ASP A 323 -17.68 -1.64 -8.15
C ASP A 323 -16.24 -1.33 -7.78
N GLU A 324 -16.02 -0.46 -6.79
CA GLU A 324 -14.69 0.07 -6.51
C GLU A 324 -14.58 0.45 -5.04
N LEU A 325 -13.44 0.13 -4.43
CA LEU A 325 -13.12 0.49 -3.06
C LEU A 325 -12.06 1.57 -3.05
N ILE A 326 -12.28 2.62 -2.27
CA ILE A 326 -11.27 3.65 -2.02
C ILE A 326 -10.96 3.61 -0.54
N VAL A 327 -9.74 3.23 -0.20
CA VAL A 327 -9.34 2.99 1.18
C VAL A 327 -8.20 3.95 1.52
N TYR A 328 -8.43 4.78 2.52
CA TYR A 328 -7.37 5.59 3.12
C TYR A 328 -6.94 4.90 4.41
N ILE A 329 -5.64 4.70 4.57
CA ILE A 329 -5.09 4.04 5.75
C ILE A 329 -4.20 5.03 6.49
N ALA A 330 -4.46 5.22 7.78
CA ALA A 330 -3.60 6.08 8.57
C ALA A 330 -2.63 5.25 9.41
N PRO A 331 -1.38 5.71 9.58
CA PRO A 331 -0.42 4.93 10.39
C PRO A 331 -0.71 5.03 11.88
N LYS A 332 -1.85 4.48 12.31
CA LYS A 332 -2.22 4.39 13.72
C LYS A 332 -2.84 3.03 13.97
N LEU A 333 -2.88 2.62 15.24
CA LEU A 333 -3.62 1.44 15.64
C LEU A 333 -4.61 1.82 16.72
N LEU A 334 -5.86 1.38 16.56
CA LEU A 334 -6.93 1.70 17.50
C LEU A 334 -7.27 0.54 18.43
N GLY A 335 -6.80 -0.67 18.15
CA GLY A 335 -7.09 -1.81 19.00
C GLY A 335 -8.16 -2.70 18.40
N SER A 336 -8.17 -3.96 18.85
CA SER A 336 -9.03 -4.97 18.26
C SER A 336 -10.48 -4.91 18.76
N ASP A 337 -10.80 -4.05 19.71
CA ASP A 337 -12.18 -3.83 20.15
C ASP A 337 -12.78 -2.54 19.61
N ALA A 338 -12.06 -1.79 18.77
CA ALA A 338 -12.64 -0.60 18.18
C ALA A 338 -13.44 -0.97 16.93
N ARG A 339 -14.33 -0.06 16.50
CA ARG A 339 -15.29 -0.39 15.46
C ARG A 339 -14.61 -0.67 14.14
N GLY A 340 -15.09 -1.71 13.46
CA GLY A 340 -14.50 -2.17 12.22
C GLY A 340 -15.03 -1.42 11.00
N LEU A 341 -14.77 -2.01 9.82
CA LEU A 341 -15.02 -1.36 8.54
C LEU A 341 -16.33 -1.80 7.88
N CYS A 342 -16.61 -3.10 7.81
CA CYS A 342 -17.85 -3.59 7.22
C CYS A 342 -18.40 -4.73 8.05
N ALA A 343 -19.71 -4.71 8.29
CA ALA A 343 -20.38 -5.77 9.04
C ALA A 343 -20.88 -6.80 8.03
N LEU A 344 -20.31 -8.00 8.07
CA LEU A 344 -20.53 -9.03 7.06
C LEU A 344 -21.23 -10.21 7.70
N PRO A 345 -22.56 -10.18 7.80
CA PRO A 345 -23.28 -11.32 8.40
C PRO A 345 -23.28 -12.53 7.48
N GLY A 346 -23.18 -13.70 8.08
CA GLY A 346 -23.12 -14.93 7.31
C GLY A 346 -21.74 -15.42 6.99
N LEU A 347 -20.90 -14.54 6.43
CA LEU A 347 -19.51 -14.88 6.16
C LEU A 347 -18.78 -15.23 7.45
N PRO A 354 -15.49 -11.30 0.15
CA PRO A 354 -15.40 -10.26 -0.88
C PRO A 354 -13.97 -10.10 -1.35
N HIS A 355 -13.76 -10.21 -2.66
CA HIS A 355 -12.43 -10.26 -3.25
C HIS A 355 -12.24 -9.07 -4.18
N PHE A 356 -11.08 -8.41 -4.04
CA PHE A 356 -10.77 -7.29 -4.92
C PHE A 356 -9.36 -7.41 -5.48
N LYS A 357 -8.89 -6.39 -6.18
CA LYS A 357 -7.52 -6.37 -6.67
C LYS A 357 -7.01 -4.94 -6.64
N PHE A 358 -5.75 -4.78 -6.26
CA PHE A 358 -5.20 -3.44 -6.10
C PHE A 358 -4.90 -2.86 -7.47
N ASN A 359 -5.53 -1.72 -7.79
CA ASN A 359 -5.15 -1.04 -9.02
C ASN A 359 -4.08 0.01 -8.75
N GLU A 360 -4.40 1.03 -7.97
CA GLU A 360 -3.43 2.07 -7.66
C GLU A 360 -3.31 2.20 -6.16
N ILE A 361 -2.08 2.19 -5.65
CA ILE A 361 -1.80 2.57 -4.27
C ILE A 361 -0.88 3.77 -4.33
N ARG A 362 -1.18 4.77 -3.51
CA ARG A 362 -0.46 6.04 -3.58
C ARG A 362 -0.46 6.68 -2.21
N GLN A 363 0.43 7.64 -2.04
CA GLN A 363 0.57 8.35 -0.76
C GLN A 363 -0.28 9.61 -0.79
N VAL A 364 -1.03 9.83 0.29
CA VAL A 364 -1.75 11.07 0.50
C VAL A 364 -1.32 11.58 1.86
N GLY A 365 -0.42 12.56 1.88
CA GLY A 365 0.12 13.05 3.12
C GLY A 365 0.74 11.92 3.91
N PRO A 366 0.49 11.90 5.22
CA PRO A 366 0.99 10.81 6.05
C PRO A 366 0.26 9.49 5.85
N ASP A 367 -0.89 9.48 5.17
CA ASP A 367 -1.65 8.27 4.92
C ASP A 367 -1.35 7.71 3.53
N VAL A 368 -1.91 6.54 3.26
CA VAL A 368 -1.89 5.95 1.93
C VAL A 368 -3.31 5.80 1.44
N CYS A 369 -3.51 5.86 0.13
CA CYS A 369 -4.80 5.59 -0.49
C CYS A 369 -4.67 4.38 -1.40
N LEU A 370 -5.57 3.42 -1.24
CA LEU A 370 -5.59 2.19 -2.02
C LEU A 370 -6.84 2.18 -2.89
N HIS A 371 -6.65 1.96 -4.19
CA HIS A 371 -7.75 1.87 -5.14
C HIS A 371 -7.92 0.42 -5.54
N LEU A 372 -9.10 -0.15 -5.27
CA LEU A 372 -9.35 -1.55 -5.52
C LEU A 372 -10.61 -1.70 -6.36
N THR A 373 -10.56 -2.57 -7.34
CA THR A 373 -11.72 -2.91 -8.15
C THR A 373 -12.16 -4.32 -7.78
N THR A 374 -13.46 -4.58 -7.97
CA THR A 374 -13.97 -5.93 -7.84
C THR A 374 -13.11 -6.89 -8.65
N ALA A 375 -12.81 -8.04 -8.06
CA ALA A 375 -11.98 -9.02 -8.72
C ALA A 375 -12.40 -10.41 -8.32
N GLN B 10 32.09 9.20 -9.81
CA GLN B 10 33.53 8.96 -9.88
C GLN B 10 33.86 7.60 -9.29
N ASP B 11 33.86 7.54 -7.96
CA ASP B 11 34.04 6.32 -7.20
C ASP B 11 32.73 5.59 -6.95
N GLU B 12 31.60 6.23 -7.24
CA GLU B 12 30.32 5.69 -6.80
C GLU B 12 30.02 4.35 -7.44
N MET B 13 30.55 4.08 -8.63
CA MET B 13 30.29 2.79 -9.27
C MET B 13 30.92 1.65 -8.49
N TYR B 14 32.17 1.83 -8.05
CA TYR B 14 32.87 0.74 -7.39
C TYR B 14 32.27 0.44 -6.02
N MET B 15 31.92 1.48 -5.26
CA MET B 15 31.27 1.25 -3.97
C MET B 15 29.92 0.61 -4.14
N ALA B 16 29.10 1.12 -5.07
CA ALA B 16 27.81 0.50 -5.31
C ALA B 16 28.00 -0.97 -5.62
N ARG B 17 28.93 -1.27 -6.54
CA ARG B 17 29.29 -2.67 -6.78
C ARG B 17 29.71 -3.35 -5.47
N ALA B 18 30.48 -2.64 -4.64
CA ALA B 18 30.91 -3.22 -3.38
C ALA B 18 29.74 -3.54 -2.46
N LEU B 19 28.78 -2.61 -2.32
CA LEU B 19 27.64 -2.94 -1.48
C LEU B 19 26.76 -4.01 -2.11
N LYS B 20 26.63 -4.02 -3.44
CA LYS B 20 25.89 -5.12 -4.04
C LYS B 20 26.56 -6.45 -3.69
N LEU B 21 27.89 -6.51 -3.71
CA LEU B 21 28.59 -7.72 -3.29
C LEU B 21 28.34 -8.04 -1.83
N ALA B 22 28.26 -7.01 -0.98
CA ALA B 22 28.07 -7.22 0.46
C ALA B 22 26.72 -7.88 0.74
N ALA B 23 25.70 -7.51 -0.04
CA ALA B 23 24.38 -8.09 0.15
C ALA B 23 24.33 -9.58 -0.13
N ARG B 24 25.31 -10.10 -0.87
CA ARG B 24 25.33 -11.53 -1.17
C ARG B 24 25.48 -12.37 0.09
N GLY B 25 26.03 -11.81 1.16
CA GLY B 25 26.20 -12.56 2.39
C GLY B 25 25.09 -12.46 3.42
N ARG B 26 24.01 -11.74 3.12
CA ARG B 26 23.06 -11.35 4.15
C ARG B 26 22.25 -12.51 4.72
N PHE B 27 22.28 -13.69 4.10
CA PHE B 27 21.57 -14.84 4.64
C PHE B 27 22.40 -15.66 5.61
N THR B 28 23.73 -15.64 5.50
CA THR B 28 24.58 -16.49 6.32
C THR B 28 25.63 -15.76 7.14
N THR B 29 25.61 -14.44 7.17
CA THR B 29 26.69 -13.68 7.78
C THR B 29 26.54 -13.50 9.29
N HIS B 30 25.34 -13.71 9.84
CA HIS B 30 25.10 -13.44 11.25
C HIS B 30 25.95 -14.36 12.13
N PRO B 31 26.46 -13.87 13.28
CA PRO B 31 26.27 -12.51 13.85
C PRO B 31 27.20 -11.44 13.29
N ASN B 32 28.03 -11.77 12.30
CA ASN B 32 28.84 -10.77 11.62
C ASN B 32 27.98 -9.96 10.66
N PRO B 33 28.40 -8.73 10.33
CA PRO B 33 27.61 -7.90 9.39
C PRO B 33 27.84 -8.25 7.93
N ASN B 34 27.29 -7.44 7.03
CA ASN B 34 27.50 -7.61 5.59
C ASN B 34 28.58 -6.64 5.12
N VAL B 35 29.62 -7.19 4.50
CA VAL B 35 30.77 -6.41 4.05
C VAL B 35 31.14 -6.87 2.64
N GLY B 36 31.39 -5.92 1.76
CA GLY B 36 31.90 -6.20 0.43
C GLY B 36 33.14 -5.38 0.14
N CYS B 37 34.06 -5.99 -0.60
CA CYS B 37 35.34 -5.37 -0.91
C CYS B 37 35.55 -5.32 -2.41
N VAL B 38 35.99 -4.16 -2.91
CA VAL B 38 36.28 -3.98 -4.32
C VAL B 38 37.68 -3.37 -4.46
N ILE B 39 38.52 -4.03 -5.25
CA ILE B 39 39.92 -3.60 -5.44
C ILE B 39 40.14 -3.27 -6.90
N VAL B 40 40.52 -2.02 -7.15
CA VAL B 40 40.69 -1.49 -8.49
C VAL B 40 42.11 -0.94 -8.62
N LYS B 41 42.81 -1.33 -9.68
CA LYS B 41 44.14 -0.80 -9.98
C LYS B 41 44.07 -0.13 -11.35
N ASP B 42 44.33 1.17 -11.39
CA ASP B 42 44.38 1.94 -12.64
C ASP B 42 43.10 1.78 -13.46
N GLY B 43 41.96 1.88 -12.78
CA GLY B 43 40.66 1.87 -13.43
C GLY B 43 40.12 0.51 -13.82
N GLU B 44 40.71 -0.58 -13.34
CA GLU B 44 40.25 -1.92 -13.64
C GLU B 44 40.10 -2.72 -12.35
N ILE B 45 38.96 -3.37 -12.16
CA ILE B 45 38.76 -4.21 -10.99
C ILE B 45 39.72 -5.38 -11.07
N VAL B 46 40.42 -5.65 -9.97
CA VAL B 46 41.35 -6.76 -9.93
C VAL B 46 41.08 -7.58 -8.69
N GLY B 47 40.20 -7.09 -7.82
CA GLY B 47 39.84 -7.82 -6.61
C GLY B 47 38.41 -7.60 -6.19
N GLU B 48 37.70 -8.69 -5.88
CA GLU B 48 36.34 -8.61 -5.37
C GLU B 48 36.12 -9.71 -4.33
N GLY B 49 35.31 -9.40 -3.32
CA GLY B 49 34.98 -10.37 -2.28
C GLY B 49 33.89 -9.81 -1.39
N PHE B 50 33.33 -10.71 -0.58
CA PHE B 50 32.33 -10.36 0.42
C PHE B 50 32.38 -11.36 1.55
N HIS B 51 31.90 -10.94 2.73
CA HIS B 51 31.81 -11.84 3.86
C HIS B 51 30.61 -12.75 3.70
N TYR B 52 30.80 -14.05 3.94
CA TYR B 52 29.74 -15.03 3.78
C TYR B 52 29.28 -15.64 5.10
N ARG B 53 30.17 -16.27 5.86
CA ARG B 53 29.81 -16.84 7.15
C ARG B 53 30.67 -16.24 8.25
N ALA B 54 30.35 -16.60 9.49
CA ALA B 54 31.08 -16.11 10.65
C ALA B 54 32.29 -16.99 10.90
N GLY B 55 33.38 -16.36 11.32
CA GLY B 55 34.65 -17.05 11.48
C GLY B 55 35.35 -17.37 10.18
N GLU B 56 34.69 -17.22 9.05
CA GLU B 56 35.29 -17.48 7.74
C GLU B 56 36.01 -16.23 7.26
N PRO B 57 36.78 -16.33 6.17
CA PRO B 57 37.59 -15.17 5.77
C PRO B 57 36.74 -13.93 5.55
N HIS B 58 37.30 -12.77 5.89
CA HIS B 58 36.59 -11.52 5.73
C HIS B 58 36.48 -11.14 4.26
N ALA B 59 35.81 -10.02 4.00
CA ALA B 59 35.60 -9.57 2.63
C ALA B 59 36.91 -9.08 2.00
N GLU B 60 37.66 -8.23 2.72
CA GLU B 60 38.87 -7.66 2.15
C GLU B 60 39.92 -8.76 1.89
N VAL B 61 40.00 -9.72 2.80
CA VAL B 61 40.93 -10.84 2.62
C VAL B 61 40.55 -11.66 1.40
N HIS B 62 39.26 -11.96 1.25
CA HIS B 62 38.80 -12.66 0.05
C HIS B 62 39.25 -11.94 -1.21
N ALA B 63 39.08 -10.61 -1.23
CA ALA B 63 39.41 -9.85 -2.42
C ALA B 63 40.93 -9.69 -2.59
N LEU B 64 41.67 -9.48 -1.50
CA LEU B 64 43.13 -9.42 -1.60
C LEU B 64 43.68 -10.74 -2.11
N ARG B 65 43.14 -11.86 -1.60
CA ARG B 65 43.58 -13.17 -2.04
C ARG B 65 43.29 -13.39 -3.53
N MET B 66 42.20 -12.82 -4.03
CA MET B 66 41.91 -12.92 -5.45
C MET B 66 42.76 -11.94 -6.27
N ALA B 67 43.02 -10.75 -5.72
CA ALA B 67 43.80 -9.74 -6.46
C ALA B 67 45.28 -10.11 -6.53
N GLY B 68 45.83 -10.63 -5.44
CA GLY B 68 47.23 -10.99 -5.44
C GLY B 68 48.11 -9.79 -5.72
N ASP B 69 49.11 -10.00 -6.58
CA ASP B 69 50.15 -9.02 -6.85
C ASP B 69 49.59 -7.70 -7.38
N LYS B 70 48.42 -7.75 -8.02
CA LYS B 70 47.82 -6.57 -8.64
C LYS B 70 47.24 -5.61 -7.62
N ALA B 71 47.36 -5.91 -6.33
CA ALA B 71 46.86 -5.01 -5.30
C ALA B 71 47.81 -3.87 -5.02
N LYS B 72 49.08 -3.99 -5.39
CA LYS B 72 50.04 -2.93 -5.13
C LYS B 72 49.57 -1.61 -5.74
N GLY B 73 49.52 -0.57 -4.93
CA GLY B 73 49.12 0.75 -5.38
C GLY B 73 47.70 0.82 -5.88
N ALA B 74 46.90 -0.19 -5.57
CA ALA B 74 45.52 -0.24 -6.01
C ALA B 74 44.63 0.44 -4.98
N THR B 75 43.47 0.88 -5.44
CA THR B 75 42.47 1.41 -4.52
C THR B 75 41.53 0.29 -4.07
N ALA B 76 41.10 0.37 -2.82
CA ALA B 76 40.20 -0.62 -2.23
C ALA B 76 38.92 0.08 -1.78
N TYR B 77 37.78 -0.41 -2.23
CA TYR B 77 36.48 0.04 -1.75
C TYR B 77 35.91 -1.01 -0.82
N VAL B 78 35.60 -0.59 0.41
CA VAL B 78 35.02 -1.46 1.43
C VAL B 78 33.76 -0.79 1.95
N THR B 79 32.74 -1.59 2.27
CA THR B 79 31.49 -1.06 2.78
C THR B 79 31.56 -0.61 4.24
N LEU B 80 32.56 -1.08 4.98
CA LEU B 80 32.77 -0.66 6.35
C LEU B 80 34.26 -0.41 6.58
N GLU B 81 34.57 0.20 7.71
CA GLU B 81 35.95 0.37 8.10
C GLU B 81 36.60 -1.01 8.25
N PRO B 82 37.78 -1.22 7.67
CA PRO B 82 38.41 -2.56 7.74
C PRO B 82 38.78 -2.94 9.16
N CYS B 83 38.62 -4.24 9.47
CA CYS B 83 38.94 -4.77 10.79
C CYS B 83 40.29 -4.26 11.27
N SER B 84 40.30 -3.73 12.49
CA SER B 84 41.48 -3.07 13.03
C SER B 84 42.01 -3.75 14.28
N HIS B 85 41.88 -5.09 14.36
CA HIS B 85 42.36 -5.78 15.55
C HIS B 85 42.54 -7.27 15.28
N HIS B 86 43.60 -7.84 15.84
CA HIS B 86 43.95 -9.26 15.66
C HIS B 86 43.24 -10.16 16.66
N THR B 89 41.82 -13.91 13.82
CA THR B 89 42.51 -13.67 12.55
C THR B 89 43.21 -12.31 12.55
N PRO B 90 44.34 -12.21 11.87
CA PRO B 90 45.04 -10.93 11.74
C PRO B 90 44.16 -9.89 11.06
N PRO B 91 44.23 -8.64 11.48
CA PRO B 91 43.24 -7.64 11.06
C PRO B 91 43.33 -7.28 9.58
N CYS B 92 42.16 -6.96 9.01
CA CYS B 92 42.11 -6.57 7.61
C CYS B 92 42.92 -5.31 7.36
N CYS B 93 42.92 -4.39 8.32
CA CYS B 93 43.58 -3.10 8.09
C CYS B 93 45.07 -3.30 7.84
N ASP B 94 45.69 -4.25 8.54
CA ASP B 94 47.10 -4.53 8.28
C ASP B 94 47.31 -5.32 7.00
N ALA B 95 46.41 -6.24 6.67
CA ALA B 95 46.53 -6.98 5.41
C ALA B 95 46.54 -6.02 4.22
N LEU B 96 45.70 -5.00 4.26
CA LEU B 96 45.76 -3.97 3.21
C LEU B 96 47.16 -3.38 3.10
N ILE B 97 47.78 -3.08 4.25
CA ILE B 97 49.13 -2.51 4.23
C ILE B 97 50.12 -3.53 3.67
N ALA B 98 50.04 -4.78 4.13
CA ALA B 98 50.90 -5.84 3.62
C ALA B 98 50.81 -5.94 2.10
N ALA B 99 49.62 -5.75 1.54
CA ALA B 99 49.47 -5.87 0.09
C ALA B 99 49.91 -4.63 -0.66
N GLY B 100 50.21 -3.53 0.03
CA GLY B 100 50.58 -2.28 -0.62
C GLY B 100 49.50 -1.58 -1.43
N VAL B 101 48.28 -1.48 -0.89
CA VAL B 101 47.26 -0.64 -1.51
C VAL B 101 47.57 0.82 -1.17
N ALA B 102 47.48 1.69 -2.18
CA ALA B 102 47.78 3.10 -1.98
C ALA B 102 46.54 3.94 -1.62
N ARG B 103 45.34 3.36 -1.66
CA ARG B 103 44.14 4.16 -1.43
C ARG B 103 43.01 3.27 -0.96
N VAL B 104 42.31 3.70 0.10
CA VAL B 104 41.23 2.92 0.69
C VAL B 104 40.03 3.84 0.94
N VAL B 105 38.88 3.46 0.40
CA VAL B 105 37.63 4.21 0.55
C VAL B 105 36.64 3.33 1.30
N ALA B 106 36.14 3.83 2.43
CA ALA B 106 35.25 3.08 3.30
C ALA B 106 33.93 3.82 3.44
N ALA B 107 32.82 3.09 3.32
CA ALA B 107 31.51 3.74 3.31
C ALA B 107 31.14 4.30 4.67
N MET B 108 31.60 3.68 5.74
CA MET B 108 31.26 4.10 7.10
C MET B 108 32.34 3.58 8.04
N GLN B 109 32.30 4.06 9.28
CA GLN B 109 33.30 3.68 10.27
C GLN B 109 32.73 2.58 11.16
N ASP B 110 33.56 2.10 12.08
CA ASP B 110 33.10 1.04 12.97
C ASP B 110 31.97 1.57 13.83
N PRO B 111 30.99 0.72 14.17
CA PRO B 111 29.93 1.17 15.07
C PRO B 111 30.33 1.25 16.54
N ASN B 112 31.44 0.64 16.93
CA ASN B 112 31.85 0.74 18.34
C ASN B 112 32.22 2.18 18.63
N PRO B 113 31.75 2.75 19.75
CA PRO B 113 31.94 4.19 20.01
C PRO B 113 33.40 4.61 20.09
N GLN B 114 34.30 3.71 20.47
CA GLN B 114 35.72 4.03 20.56
C GLN B 114 36.54 3.48 19.40
N VAL B 115 36.26 2.24 18.99
CA VAL B 115 37.05 1.59 17.95
C VAL B 115 36.94 2.27 16.59
N ALA B 116 35.92 3.12 16.40
CA ALA B 116 35.73 3.74 15.09
C ALA B 116 36.90 4.66 14.76
N GLY B 117 37.31 4.64 13.50
CA GLY B 117 38.41 5.45 13.03
C GLY B 117 39.79 4.86 13.25
N ARG B 118 39.91 3.80 14.06
CA ARG B 118 41.21 3.24 14.38
C ARG B 118 41.86 2.63 13.14
N GLY B 119 41.13 1.78 12.42
CA GLY B 119 41.69 1.18 11.21
C GLY B 119 42.10 2.22 10.20
N LEU B 120 41.21 3.19 9.95
CA LEU B 120 41.49 4.20 8.93
C LEU B 120 42.71 5.04 9.32
N TYR B 121 42.86 5.34 10.60
CA TYR B 121 44.03 6.07 11.05
C TYR B 121 45.31 5.27 10.79
N ARG B 122 45.28 3.98 11.07
CA ARG B 122 46.49 3.17 10.91
C ARG B 122 46.98 3.15 9.47
N LEU B 123 46.06 3.25 8.50
CA LEU B 123 46.49 3.34 7.10
C LEU B 123 47.03 4.73 6.80
N GLN B 124 46.37 5.78 7.34
CA GLN B 124 46.89 7.14 7.17
C GLN B 124 48.27 7.28 7.82
N GLN B 125 48.50 6.59 8.92
CA GLN B 125 49.81 6.60 9.55
C GLN B 125 50.83 5.87 8.69
N ALA B 126 50.39 4.85 7.95
CA ALA B 126 51.27 4.07 7.09
C ALA B 126 51.25 4.56 5.65
N GLY B 127 50.78 5.79 5.42
CA GLY B 127 50.93 6.43 4.13
C GLY B 127 49.88 6.12 3.08
N ILE B 128 48.69 5.70 3.49
CA ILE B 128 47.64 5.28 2.57
C ILE B 128 46.63 6.42 2.43
N ASP B 129 46.09 6.61 1.23
CA ASP B 129 44.97 7.53 1.01
C ASP B 129 43.69 6.94 1.58
N VAL B 130 43.04 7.67 2.51
CA VAL B 130 41.85 7.16 3.20
C VAL B 130 40.74 8.20 3.24
N SER B 131 39.50 7.73 3.08
CA SER B 131 38.34 8.61 3.17
C SER B 131 37.13 7.78 3.60
N HIS B 132 36.14 8.47 4.17
CA HIS B 132 35.00 7.78 4.75
C HIS B 132 33.72 8.59 4.59
N GLY B 133 32.61 7.89 4.41
CA GLY B 133 31.30 8.52 4.32
C GLY B 133 30.61 8.34 2.98
N LEU B 134 31.25 7.73 1.98
CA LEU B 134 30.66 7.67 0.65
C LEU B 134 29.62 6.54 0.61
N MET B 135 28.36 6.92 0.35
CA MET B 135 27.20 6.02 0.40
C MET B 135 27.03 5.44 1.79
N MET B 136 27.23 6.30 2.80
CA MET B 136 27.11 5.88 4.19
C MET B 136 25.69 5.42 4.49
N ASN B 137 24.68 6.16 4.01
CA ASN B 137 23.29 5.80 4.26
C ASN B 137 22.97 4.42 3.69
N GLU B 138 23.44 4.14 2.48
CA GLU B 138 23.25 2.81 1.90
C GLU B 138 24.00 1.74 2.69
N ALA B 139 25.21 2.07 3.16
CA ALA B 139 25.95 1.15 4.02
C ALA B 139 25.21 0.90 5.33
N GLU B 140 24.65 1.95 5.92
CA GLU B 140 23.95 1.82 7.20
C GLU B 140 22.73 0.91 7.07
N ALA B 141 22.00 1.03 5.96
CA ALA B 141 20.79 0.22 5.75
C ALA B 141 21.10 -1.27 5.62
N LEU B 142 22.32 -1.62 5.20
CA LEU B 142 22.66 -3.02 4.99
C LEU B 142 22.78 -3.78 6.30
N ASN B 143 23.01 -3.06 7.40
CA ASN B 143 23.31 -3.71 8.68
C ASN B 143 22.55 -3.03 9.81
N LYS B 144 21.27 -2.75 9.58
CA LYS B 144 20.47 -2.08 10.61
C LYS B 144 20.56 -2.82 11.95
N GLY B 145 20.49 -4.14 11.93
CA GLY B 145 20.49 -4.89 13.18
C GLY B 145 21.81 -4.77 13.90
N PHE B 146 22.91 -5.09 13.20
CA PHE B 146 24.23 -5.06 13.81
C PHE B 146 24.57 -3.67 14.33
N LEU B 147 24.32 -2.64 13.53
CA LEU B 147 24.64 -1.28 13.95
C LEU B 147 23.81 -0.88 15.17
N LYS B 148 22.52 -1.23 15.18
CA LYS B 148 21.71 -0.93 16.36
C LYS B 148 22.24 -1.65 17.58
N ARG B 149 22.57 -2.93 17.42
CA ARG B 149 23.14 -3.69 18.54
C ARG B 149 24.51 -3.17 18.92
N MET B 150 25.27 -2.61 17.98
CA MET B 150 26.59 -2.13 18.34
C MET B 150 26.53 -0.77 19.03
N ARG B 151 25.51 0.04 18.73
CA ARG B 151 25.29 1.35 19.33
C ARG B 151 24.43 1.27 20.58
N THR B 152 23.32 0.56 20.49
CA THR B 152 22.40 0.29 21.58
C THR B 152 22.67 -1.11 22.13
N GLY B 153 22.11 -1.41 23.28
CA GLY B 153 22.28 -2.80 23.65
C GLY B 153 21.34 -3.76 22.97
N PHE B 154 20.45 -3.27 22.11
CA PHE B 154 19.28 -4.04 21.69
C PHE B 154 19.32 -4.36 20.21
N PRO B 155 18.68 -5.45 19.80
CA PRO B 155 18.61 -5.80 18.38
C PRO B 155 17.57 -4.97 17.64
N TRP B 156 17.58 -5.13 16.31
CA TRP B 156 16.58 -4.52 15.43
C TRP B 156 15.37 -5.44 15.36
N ILE B 157 14.18 -4.91 15.60
CA ILE B 157 12.97 -5.72 15.75
C ILE B 157 12.03 -5.48 14.57
N GLN B 158 11.67 -6.55 13.88
CA GLN B 158 10.75 -6.49 12.75
C GLN B 158 9.43 -7.16 13.12
N LEU B 159 8.42 -6.35 13.44
CA LEU B 159 7.09 -6.90 13.68
C LEU B 159 6.39 -7.10 12.35
N LYS B 160 6.08 -8.35 12.03
CA LYS B 160 5.37 -8.67 10.80
C LYS B 160 3.89 -8.87 11.10
N MET B 161 3.05 -8.44 10.18
CA MET B 161 1.62 -8.62 10.31
C MET B 161 1.05 -8.89 8.93
N GLY B 162 0.23 -9.94 8.82
CA GLY B 162 -0.44 -10.23 7.56
C GLY B 162 -1.93 -10.27 7.74
N ALA B 163 -2.64 -9.30 7.19
CA ALA B 163 -4.07 -9.16 7.44
C ALA B 163 -4.80 -8.92 6.14
N SER B 164 -6.12 -8.89 6.24
CA SER B 164 -6.97 -8.49 5.14
C SER B 164 -7.11 -6.97 5.13
N LEU B 165 -7.71 -6.48 4.04
CA LEU B 165 -7.92 -5.04 3.90
C LEU B 165 -8.53 -4.41 5.13
N ASP B 166 -9.51 -5.08 5.76
CA ASP B 166 -10.15 -4.58 6.97
C ASP B 166 -9.39 -4.95 8.24
N GLY B 167 -8.09 -5.22 8.13
CA GLY B 167 -7.24 -5.38 9.29
C GLY B 167 -7.36 -6.67 10.07
N ARG B 168 -8.12 -7.64 9.55
CA ARG B 168 -8.36 -8.89 10.26
C ARG B 168 -7.29 -9.93 9.91
N THR B 169 -6.91 -10.73 10.91
CA THR B 169 -5.88 -11.74 10.72
C THR B 169 -6.42 -13.17 10.70
N ALA B 170 -7.68 -13.38 11.10
CA ALA B 170 -8.29 -14.70 11.04
C ALA B 170 -9.79 -14.54 11.20
N MET B 171 -10.55 -15.37 10.50
CA MET B 171 -12.00 -15.35 10.58
C MET B 171 -12.47 -15.88 11.94
N ALA B 172 -13.76 -15.68 12.23
CA ALA B 172 -14.32 -16.12 13.51
C ALA B 172 -14.25 -17.62 13.71
N SER B 173 -14.05 -18.39 12.62
CA SER B 173 -13.81 -19.82 12.73
C SER B 173 -12.40 -20.15 13.19
N GLY B 174 -11.47 -19.20 13.09
CA GLY B 174 -10.07 -19.43 13.38
C GLY B 174 -9.24 -19.82 12.19
N GLU B 175 -9.82 -19.87 10.99
CA GLU B 175 -9.10 -20.27 9.79
C GLU B 175 -8.18 -19.14 9.34
N SER B 176 -7.03 -19.05 10.01
CA SER B 176 -5.96 -18.17 9.57
C SER B 176 -5.12 -18.79 8.46
N GLN B 177 -5.55 -19.94 7.94
CA GLN B 177 -4.78 -20.70 6.95
C GLN B 177 -4.78 -19.97 5.62
N TRP B 178 -3.71 -19.19 5.40
CA TRP B 178 -3.32 -18.67 4.10
C TRP B 178 -4.37 -17.69 3.55
N ILE B 179 -4.53 -16.57 4.26
CA ILE B 179 -5.30 -15.46 3.75
C ILE B 179 -4.45 -14.52 2.90
N THR B 180 -3.13 -14.55 3.06
CA THR B 180 -2.27 -13.76 2.19
C THR B 180 -1.86 -14.59 0.97
N SER B 181 -1.25 -13.91 0.01
CA SER B 181 -0.94 -14.53 -1.26
C SER B 181 0.25 -15.50 -1.16
N PRO B 182 0.30 -16.50 -2.03
CA PRO B 182 1.53 -17.32 -2.11
C PRO B 182 2.78 -16.50 -2.35
N GLN B 183 2.69 -15.45 -3.17
CA GLN B 183 3.82 -14.53 -3.32
C GLN B 183 4.17 -13.87 -1.99
N ALA B 184 3.16 -13.55 -1.18
CA ALA B 184 3.42 -12.98 0.12
C ALA B 184 4.20 -13.96 1.00
N ARG B 185 3.85 -15.24 0.94
CA ARG B 185 4.56 -16.24 1.72
C ARG B 185 6.01 -16.37 1.26
N ARG B 186 6.24 -16.28 -0.06
CA ARG B 186 7.63 -16.26 -0.55
C ARG B 186 8.37 -15.05 -0.04
N ASP B 187 7.71 -13.89 0.00
CA ASP B 187 8.36 -12.68 0.51
C ASP B 187 8.68 -12.78 2.00
N VAL B 188 7.82 -13.44 2.78
CA VAL B 188 8.14 -13.60 4.19
C VAL B 188 9.33 -14.53 4.34
N GLN B 189 9.41 -15.56 3.50
CA GLN B 189 10.55 -16.48 3.56
C GLN B 189 11.87 -15.75 3.34
N ARG B 190 11.92 -14.85 2.35
CA ARG B 190 13.15 -14.09 2.12
C ARG B 190 13.52 -13.29 3.37
N LEU B 191 12.57 -12.53 3.90
CA LEU B 191 12.87 -11.70 5.06
C LEU B 191 13.17 -12.55 6.30
N ARG B 192 12.56 -13.74 6.40
CA ARG B 192 12.96 -14.68 7.45
C ARG B 192 14.42 -15.08 7.28
N ALA B 193 14.84 -15.34 6.03
CA ALA B 193 16.10 -16.00 5.79
C ALA B 193 17.28 -15.13 6.19
N GLN B 194 17.16 -13.82 6.01
CA GLN B 194 18.20 -12.86 6.39
C GLN B 194 18.05 -12.36 7.82
N SER B 195 17.03 -12.83 8.53
CA SER B 195 16.88 -12.44 9.92
C SER B 195 17.78 -13.32 10.79
N HIS B 196 18.46 -12.68 11.75
CA HIS B 196 19.28 -13.45 12.67
C HIS B 196 18.42 -14.45 13.43
N ALA B 197 17.25 -14.03 13.89
CA ALA B 197 16.43 -14.85 14.73
C ALA B 197 14.96 -14.62 14.40
N ILE B 198 14.13 -15.56 14.84
CA ILE B 198 12.68 -15.48 14.69
C ILE B 198 12.09 -15.60 16.09
N LEU B 199 11.17 -14.70 16.42
CA LEU B 199 10.57 -14.67 17.75
C LEU B 199 9.07 -14.88 17.66
N THR B 200 8.55 -15.66 18.60
CA THR B 200 7.11 -15.89 18.69
C THR B 200 6.73 -16.08 20.16
N SER B 201 5.44 -16.00 20.42
CA SER B 201 4.88 -16.21 21.75
C SER B 201 4.36 -17.65 21.88
N SER B 202 4.16 -18.07 23.12
CA SER B 202 3.55 -19.37 23.35
C SER B 202 2.07 -19.37 22.98
N ALA B 203 1.41 -18.20 22.99
CA ALA B 203 0.00 -18.14 22.59
C ALA B 203 -0.17 -18.66 21.18
N THR B 204 0.73 -18.25 20.28
CA THR B 204 0.68 -18.68 18.90
C THR B 204 1.13 -20.14 18.76
N VAL B 205 2.14 -20.54 19.53
CA VAL B 205 2.63 -21.92 19.46
C VAL B 205 1.52 -22.88 19.83
N LEU B 206 0.76 -22.57 20.88
CA LEU B 206 -0.33 -23.44 21.30
C LEU B 206 -1.45 -23.43 20.26
N ALA B 207 -1.79 -22.27 19.72
CA ALA B 207 -2.88 -22.16 18.76
C ALA B 207 -2.53 -22.83 17.43
N ASP B 208 -1.36 -22.52 16.86
CA ASP B 208 -1.04 -22.96 15.52
C ASP B 208 -0.06 -24.11 15.44
N ASP B 209 0.74 -24.33 16.49
CA ASP B 209 1.79 -25.33 16.49
C ASP B 209 2.68 -25.15 15.25
N PRO B 210 3.31 -23.98 15.10
CA PRO B 210 3.99 -23.68 13.84
C PRO B 210 5.41 -24.25 13.78
N ALA B 211 5.98 -24.16 12.58
CA ALA B 211 7.37 -24.57 12.38
C ALA B 211 8.33 -23.39 12.51
N LEU B 212 7.98 -22.25 11.91
CA LEU B 212 8.80 -21.04 11.96
C LEU B 212 10.24 -21.33 11.53
N THR B 213 10.38 -22.13 10.49
CA THR B 213 11.68 -22.43 9.90
C THR B 213 11.72 -21.91 8.46
N VAL B 214 12.90 -21.48 8.02
CA VAL B 214 13.05 -21.01 6.65
C VAL B 214 13.07 -22.23 5.74
N ARG B 215 12.04 -22.35 4.89
CA ARG B 215 11.87 -23.49 3.99
C ARG B 215 12.46 -23.12 2.63
N TRP B 216 13.63 -23.68 2.32
CA TRP B 216 14.36 -23.28 1.12
C TRP B 216 13.57 -23.53 -0.15
N GLN B 217 12.64 -24.49 -0.13
CA GLN B 217 11.84 -24.78 -1.32
C GLN B 217 10.97 -23.59 -1.71
N GLU B 218 10.31 -22.98 -0.74
CA GLU B 218 9.40 -21.86 -1.02
C GLU B 218 10.14 -20.53 -1.03
N LEU B 219 11.25 -20.48 -1.79
CA LEU B 219 12.02 -19.27 -2.00
C LEU B 219 12.06 -18.98 -3.48
N SER B 220 11.94 -17.70 -3.84
CA SER B 220 12.04 -17.31 -5.24
C SER B 220 13.42 -17.66 -5.78
N ALA B 221 13.47 -18.10 -7.04
CA ALA B 221 14.69 -18.67 -7.60
C ALA B 221 15.81 -17.63 -7.67
N ASP B 222 15.46 -16.35 -7.76
CA ASP B 222 16.49 -15.31 -7.69
C ASP B 222 17.30 -15.45 -6.40
N THR B 223 16.60 -15.59 -5.28
CA THR B 223 17.28 -15.82 -4.00
C THR B 223 17.97 -17.17 -3.97
N GLN B 224 17.32 -18.21 -4.51
CA GLN B 224 17.93 -19.53 -4.49
C GLN B 224 19.23 -19.57 -5.28
N ALA B 225 19.41 -18.68 -6.25
CA ALA B 225 20.68 -18.58 -6.95
C ALA B 225 21.76 -17.89 -6.12
N LEU B 226 21.39 -17.25 -5.01
CA LEU B 226 22.35 -16.62 -4.12
C LEU B 226 22.50 -17.36 -2.79
N TYR B 227 21.66 -18.36 -2.55
CA TYR B 227 21.59 -19.06 -1.27
C TYR B 227 21.69 -20.55 -1.56
N PRO B 228 22.90 -21.06 -1.80
CA PRO B 228 23.05 -22.51 -1.99
C PRO B 228 22.46 -23.27 -0.81
N GLN B 229 21.67 -24.30 -1.12
CA GLN B 229 20.86 -24.95 -0.09
C GLN B 229 21.72 -25.59 0.99
N GLU B 230 22.91 -26.06 0.62
CA GLU B 230 23.78 -26.72 1.59
C GLU B 230 24.24 -25.76 2.68
N ASN B 231 24.19 -24.46 2.43
CA ASN B 231 24.63 -23.46 3.40
C ASN B 231 23.45 -22.77 4.07
N LEU B 232 22.33 -23.46 4.19
CA LEU B 232 21.14 -22.86 4.79
C LEU B 232 21.35 -22.70 6.28
N ARG B 233 21.31 -21.45 6.76
CA ARG B 233 21.42 -21.15 8.18
C ARG B 233 20.00 -20.98 8.74
N GLN B 234 19.61 -21.88 9.64
CA GLN B 234 18.29 -21.80 10.23
C GLN B 234 18.30 -20.79 11.37
N PRO B 235 17.56 -19.69 11.28
CA PRO B 235 17.65 -18.66 12.32
C PRO B 235 17.24 -19.22 13.67
N LEU B 236 17.85 -18.70 14.72
CA LEU B 236 17.47 -19.09 16.07
C LEU B 236 15.99 -18.82 16.30
N ARG B 237 15.28 -19.82 16.78
CA ARG B 237 13.87 -19.69 17.11
C ARG B 237 13.76 -19.36 18.59
N ILE B 238 13.12 -18.23 18.90
CA ILE B 238 12.90 -17.78 20.27
C ILE B 238 11.42 -17.85 20.58
N VAL B 239 11.05 -18.63 21.59
CA VAL B 239 9.66 -18.77 22.02
C VAL B 239 9.52 -18.11 23.38
N ILE B 240 8.54 -17.21 23.51
CA ILE B 240 8.26 -16.53 24.76
C ILE B 240 7.22 -17.35 25.51
N ASP B 241 7.63 -18.03 26.58
CA ASP B 241 6.74 -18.87 27.40
C ASP B 241 6.92 -18.56 28.89
N SER B 242 6.31 -17.47 29.36
CA SER B 242 6.46 -17.06 30.75
C SER B 242 5.79 -18.02 31.74
N GLN B 243 4.94 -18.94 31.26
CA GLN B 243 4.26 -19.88 32.14
C GLN B 243 4.49 -21.33 31.71
N ASN B 244 5.48 -21.57 30.86
CA ASN B 244 5.88 -22.91 30.43
C ASN B 244 4.66 -23.72 29.98
N ARG B 245 3.89 -23.16 29.05
CA ARG B 245 2.71 -23.83 28.54
C ARG B 245 3.01 -24.72 27.35
N VAL B 246 4.04 -24.36 26.57
CA VAL B 246 4.42 -25.19 25.43
C VAL B 246 4.89 -26.54 25.96
N THR B 247 4.56 -27.60 25.21
CA THR B 247 4.96 -28.94 25.57
C THR B 247 6.07 -29.44 24.65
N PRO B 248 6.87 -30.40 25.10
CA PRO B 248 7.95 -30.94 24.25
C PRO B 248 7.45 -31.72 23.05
N GLU B 249 6.14 -31.81 22.86
CA GLU B 249 5.58 -32.48 21.69
C GLU B 249 5.07 -31.50 20.65
N HIS B 250 5.27 -30.20 20.85
CA HIS B 250 4.90 -29.22 19.85
C HIS B 250 5.90 -29.23 18.71
N ARG B 251 5.44 -28.84 17.51
CA ARG B 251 6.28 -28.96 16.31
C ARG B 251 7.49 -28.05 16.35
N ILE B 252 7.39 -26.89 17.00
CA ILE B 252 8.44 -25.88 16.87
C ILE B 252 9.75 -26.37 17.45
N ILE B 253 9.70 -27.22 18.47
CA ILE B 253 10.95 -27.62 19.12
C ILE B 253 11.60 -28.82 18.43
N GLN B 254 10.83 -29.67 17.76
CA GLN B 254 11.39 -30.83 17.08
C GLN B 254 11.72 -30.51 15.63
N GLN B 255 12.43 -29.41 15.41
CA GLN B 255 12.75 -28.95 14.08
C GLN B 255 14.26 -28.81 13.94
N GLN B 256 14.73 -28.87 12.70
CA GLN B 256 16.14 -28.59 12.44
C GLN B 256 16.46 -27.17 12.90
N GLY B 257 17.62 -27.03 13.53
CA GLY B 257 18.02 -25.76 14.12
C GLY B 257 17.71 -25.71 15.61
N GLU B 258 18.11 -24.60 16.22
CA GLU B 258 18.08 -24.44 17.67
C GLU B 258 16.89 -23.59 18.10
N THR B 259 16.31 -23.94 19.25
CA THR B 259 15.14 -23.24 19.80
C THR B 259 15.48 -22.71 21.18
N LEU B 260 15.14 -21.44 21.42
CA LEU B 260 15.43 -20.80 22.70
C LEU B 260 14.10 -20.43 23.35
N PHE B 261 13.94 -20.77 24.62
CA PHE B 261 12.70 -20.51 25.35
C PHE B 261 12.95 -19.44 26.41
N ALA B 262 12.22 -18.34 26.31
CA ALA B 262 12.29 -17.28 27.32
C ALA B 262 11.29 -17.66 28.41
N ARG B 263 11.80 -18.25 29.49
CA ARG B 263 11.00 -18.74 30.61
C ARG B 263 11.26 -17.89 31.85
N THR B 264 10.29 -17.91 32.77
CA THR B 264 10.44 -17.22 34.06
C THR B 264 11.07 -18.13 35.11
N HIS B 265 10.78 -19.42 35.03
CA HIS B 265 11.49 -20.43 35.81
C HIS B 265 11.68 -21.66 34.94
N ALA B 266 12.72 -22.44 35.28
CA ALA B 266 13.09 -23.58 34.45
C ALA B 266 11.95 -24.61 34.42
N ASP B 267 11.64 -25.08 33.23
CA ASP B 267 10.70 -26.18 33.07
C ASP B 267 11.37 -27.50 33.43
N GLU B 268 10.65 -28.34 34.16
CA GLU B 268 11.25 -29.55 34.73
C GLU B 268 11.15 -30.76 33.82
N ARG B 269 10.63 -30.63 32.60
CA ARG B 269 10.54 -31.73 31.68
C ARG B 269 11.84 -31.86 30.87
N ALA B 270 11.95 -32.95 30.10
CA ALA B 270 13.13 -33.24 29.28
C ALA B 270 12.92 -32.73 27.86
N TRP B 271 13.94 -32.08 27.32
CA TRP B 271 13.87 -31.43 26.02
C TRP B 271 15.01 -31.89 25.13
N PRO B 272 14.86 -31.80 23.81
CA PRO B 272 15.96 -32.14 22.92
C PRO B 272 17.17 -31.25 23.15
N ASP B 273 18.33 -31.74 22.70
CA ASP B 273 19.57 -31.02 22.89
C ASP B 273 19.53 -29.64 22.22
N ASN B 274 18.85 -29.54 21.07
CA ASN B 274 18.75 -28.27 20.33
C ASN B 274 17.80 -27.28 20.98
N VAL B 275 17.30 -27.58 22.17
CA VAL B 275 16.42 -26.68 22.90
C VAL B 275 17.12 -26.29 24.19
N ARG B 276 17.28 -25.00 24.41
CA ARG B 276 17.76 -24.53 25.70
C ARG B 276 16.86 -23.41 26.19
N THR B 277 17.01 -23.09 27.47
CA THR B 277 16.12 -22.17 28.17
C THR B 277 16.88 -20.94 28.64
N LEU B 278 16.33 -19.76 28.37
CA LEU B 278 16.81 -18.50 28.92
C LEU B 278 15.81 -18.07 29.98
N LEU B 279 16.31 -17.79 31.17
CA LEU B 279 15.49 -17.30 32.27
C LEU B 279 15.51 -15.78 32.26
N VAL B 280 14.33 -15.18 32.14
CA VAL B 280 14.17 -13.73 32.13
C VAL B 280 13.45 -13.33 33.41
N PRO B 281 13.85 -12.24 34.09
CA PRO B 281 13.12 -11.81 35.28
C PRO B 281 11.70 -11.38 34.96
N GLU B 282 10.89 -11.36 36.01
CA GLU B 282 9.45 -11.19 35.90
C GLU B 282 9.06 -9.73 36.07
N HIS B 283 8.00 -9.35 35.38
CA HIS B 283 7.33 -8.06 35.58
C HIS B 283 5.84 -8.34 35.69
N ASN B 284 5.29 -8.10 36.87
CA ASN B 284 3.86 -8.29 37.15
C ASN B 284 3.48 -9.76 37.10
N GLY B 285 3.39 -10.34 35.91
CA GLY B 285 3.02 -11.73 35.78
C GLY B 285 3.76 -12.49 34.70
N HIS B 286 4.72 -11.84 34.06
CA HIS B 286 5.31 -12.36 32.84
C HIS B 286 6.75 -11.88 32.77
N LEU B 287 7.37 -12.08 31.60
CA LEU B 287 8.74 -11.62 31.45
C LEU B 287 8.79 -10.11 31.27
N ASP B 288 9.89 -9.53 31.70
CA ASP B 288 10.20 -8.14 31.33
C ASP B 288 10.74 -8.20 29.91
N LEU B 289 9.89 -7.80 28.96
CA LEU B 289 10.23 -7.94 27.54
C LEU B 289 11.47 -7.16 27.18
N VAL B 290 11.59 -5.93 27.67
CA VAL B 290 12.75 -5.10 27.37
C VAL B 290 14.02 -5.80 27.83
N LEU B 291 14.00 -6.34 29.05
CA LEU B 291 15.15 -7.10 29.54
C LEU B 291 15.47 -8.26 28.61
N LEU B 292 14.44 -8.97 28.13
CA LEU B 292 14.69 -10.08 27.22
C LEU B 292 15.44 -9.61 25.98
N MET B 293 15.03 -8.48 25.41
CA MET B 293 15.79 -7.91 24.30
C MET B 293 17.22 -7.57 24.70
N MET B 294 17.41 -7.12 25.94
CA MET B 294 18.75 -6.77 26.40
C MET B 294 19.66 -8.00 26.43
N GLN B 295 19.20 -9.08 27.06
CA GLN B 295 20.03 -10.28 27.14
C GLN B 295 20.33 -10.81 25.75
N LEU B 296 19.34 -10.75 24.86
CA LEU B 296 19.55 -11.17 23.48
C LEU B 296 20.64 -10.35 22.81
N GLY B 297 20.66 -9.03 23.03
CA GLY B 297 21.73 -8.22 22.50
C GLY B 297 23.08 -8.62 23.06
N LYS B 298 23.11 -8.97 24.35
CA LYS B 298 24.35 -9.44 24.96
C LYS B 298 24.79 -10.79 24.43
N GLN B 299 23.89 -11.55 23.81
CA GLN B 299 24.23 -12.81 23.15
C GLN B 299 24.48 -12.64 21.66
N GLN B 300 24.63 -11.40 21.19
CA GLN B 300 25.03 -11.07 19.82
C GLN B 300 23.92 -11.28 18.79
N VAL B 301 22.66 -11.21 19.18
CA VAL B 301 21.58 -11.34 18.21
C VAL B 301 21.38 -9.98 17.54
N ASN B 302 21.53 -9.94 16.21
CA ASN B 302 21.43 -8.68 15.48
C ASN B 302 20.00 -8.24 15.23
N SER B 303 19.18 -9.14 14.67
CA SER B 303 17.86 -8.76 14.22
C SER B 303 16.88 -9.88 14.55
N ILE B 304 15.67 -9.49 14.94
CA ILE B 304 14.63 -10.43 15.34
C ILE B 304 13.44 -10.23 14.42
N TRP B 305 13.00 -11.30 13.77
CA TRP B 305 11.79 -11.30 12.97
C TRP B 305 10.65 -11.87 13.81
N VAL B 306 9.67 -11.04 14.12
CA VAL B 306 8.61 -11.38 15.06
C VAL B 306 7.41 -11.88 14.29
N GLU B 307 7.02 -13.14 14.55
CA GLU B 307 5.81 -13.73 14.00
C GLU B 307 4.85 -13.98 15.17
N ALA B 308 3.98 -13.01 15.45
CA ALA B 308 3.15 -13.05 16.66
C ALA B 308 1.69 -12.80 16.34
N GLY B 309 0.83 -13.29 17.24
CA GLY B 309 -0.60 -13.03 17.18
C GLY B 309 -0.90 -11.63 17.69
N PRO B 310 -2.17 -11.30 17.85
CA PRO B 310 -2.52 -9.95 18.32
C PRO B 310 -1.94 -9.61 19.69
N THR B 311 -1.78 -10.59 20.58
CA THR B 311 -1.37 -10.28 21.95
C THR B 311 0.07 -9.81 22.01
N LEU B 312 0.99 -10.64 21.52
CA LEU B 312 2.40 -10.27 21.61
C LEU B 312 2.71 -9.03 20.79
N ALA B 313 2.05 -8.87 19.64
CA ALA B 313 2.25 -7.66 18.86
C ALA B 313 1.87 -6.43 19.67
N GLY B 314 0.74 -6.49 20.36
CA GLY B 314 0.34 -5.37 21.21
C GLY B 314 1.34 -5.10 22.30
N ALA B 315 1.93 -6.16 22.86
CA ALA B 315 2.91 -6.00 23.93
C ALA B 315 4.15 -5.28 23.43
N LEU B 316 4.73 -5.77 22.32
CA LEU B 316 5.98 -5.19 21.83
C LEU B 316 5.79 -3.72 21.48
N LEU B 317 4.68 -3.39 20.83
CA LEU B 317 4.36 -1.99 20.58
C LEU B 317 4.21 -1.23 21.89
N GLN B 318 3.37 -1.73 22.79
CA GLN B 318 3.12 -1.03 24.05
C GLN B 318 4.38 -0.89 24.88
N ALA B 319 5.38 -1.74 24.65
CA ALA B 319 6.69 -1.61 25.27
C ALA B 319 7.65 -0.73 24.46
N GLY B 320 7.28 -0.38 23.23
CA GLY B 320 8.16 0.42 22.38
C GLY B 320 9.39 -0.32 21.88
N LEU B 321 9.29 -1.64 21.73
CA LEU B 321 10.41 -2.45 21.29
C LEU B 321 10.45 -2.68 19.78
N VAL B 322 9.50 -2.13 19.04
CA VAL B 322 9.40 -2.37 17.61
C VAL B 322 10.15 -1.28 16.86
N ASP B 323 11.07 -1.68 15.99
CA ASP B 323 11.79 -0.71 15.14
C ASP B 323 11.15 -0.56 13.77
N GLU B 324 10.39 -1.55 13.33
CA GLU B 324 9.89 -1.58 11.96
C GLU B 324 8.66 -2.47 11.92
N LEU B 325 7.59 -1.97 11.31
CA LEU B 325 6.39 -2.75 11.06
C LEU B 325 6.38 -3.19 9.60
N ILE B 326 6.16 -4.48 9.38
CA ILE B 326 6.04 -5.02 8.03
C ILE B 326 4.64 -5.64 7.93
N VAL B 327 3.76 -4.97 7.21
CA VAL B 327 2.36 -5.36 7.13
C VAL B 327 2.04 -5.79 5.71
N TYR B 328 1.59 -7.02 5.56
CA TYR B 328 1.05 -7.52 4.30
C TYR B 328 -0.47 -7.41 4.33
N ILE B 329 -1.04 -6.75 3.32
CA ILE B 329 -2.48 -6.59 3.18
C ILE B 329 -2.95 -7.35 1.96
N ALA B 330 -3.97 -8.19 2.14
CA ALA B 330 -4.57 -8.97 1.07
C ALA B 330 -5.86 -8.29 0.58
N PRO B 331 -6.16 -8.32 -0.71
CA PRO B 331 -7.31 -7.57 -1.24
C PRO B 331 -8.63 -8.25 -0.95
N LYS B 332 -8.89 -8.50 0.33
CA LYS B 332 -10.11 -9.13 0.77
C LYS B 332 -10.67 -8.38 1.96
N LEU B 333 -11.99 -8.50 2.14
CA LEU B 333 -12.67 -7.99 3.31
C LEU B 333 -13.11 -9.19 4.12
N LEU B 334 -12.70 -9.24 5.38
CA LEU B 334 -12.85 -10.44 6.19
C LEU B 334 -13.88 -10.27 7.31
N GLY B 335 -14.74 -9.27 7.21
CA GLY B 335 -15.81 -9.14 8.17
C GLY B 335 -15.41 -8.40 9.44
N SER B 336 -16.43 -7.91 10.14
CA SER B 336 -16.20 -7.08 11.32
C SER B 336 -15.97 -7.92 12.57
N ASP B 337 -16.36 -9.19 12.56
CA ASP B 337 -16.24 -10.06 13.71
C ASP B 337 -15.02 -10.95 13.63
N ALA B 338 -14.14 -10.74 12.66
CA ALA B 338 -12.91 -11.49 12.54
C ALA B 338 -11.83 -10.92 13.45
N ARG B 339 -10.83 -11.74 13.75
CA ARG B 339 -9.82 -11.38 14.73
C ARG B 339 -8.98 -10.20 14.25
N GLY B 340 -8.73 -9.25 15.15
CA GLY B 340 -8.04 -8.03 14.83
C GLY B 340 -6.55 -8.24 14.68
N LEU B 341 -5.83 -7.11 14.57
CA LEU B 341 -4.40 -7.11 14.31
C LEU B 341 -3.56 -7.18 15.60
N CYS B 342 -3.91 -6.39 16.61
CA CYS B 342 -3.14 -6.37 17.84
C CYS B 342 -4.02 -5.89 19.00
N ALA B 343 -3.76 -6.42 20.19
CA ALA B 343 -4.56 -6.15 21.38
C ALA B 343 -3.84 -5.08 22.20
N LEU B 344 -4.46 -3.91 22.31
CA LEU B 344 -3.87 -2.74 22.96
C LEU B 344 -4.68 -2.39 24.21
N PRO B 345 -4.36 -3.01 25.34
CA PRO B 345 -5.20 -2.84 26.54
C PRO B 345 -5.23 -1.40 27.05
N GLY B 346 -6.43 -0.94 27.43
CA GLY B 346 -6.61 0.41 27.91
C GLY B 346 -6.72 1.49 26.85
N LEU B 347 -6.80 1.11 25.57
CA LEU B 347 -6.90 2.08 24.47
C LEU B 347 -8.38 2.40 24.22
N GLU B 348 -8.91 3.40 24.92
CA GLU B 348 -10.32 3.73 24.84
C GLU B 348 -10.60 5.08 24.18
N LYS B 349 -9.57 5.87 23.88
CA LYS B 349 -9.68 7.10 23.12
C LYS B 349 -8.57 7.12 22.08
N LEU B 350 -8.83 7.72 20.91
CA LEU B 350 -7.83 7.53 19.86
C LEU B 350 -6.66 8.50 19.99
N SER B 351 -6.68 9.39 20.98
CA SER B 351 -5.51 10.24 21.17
C SER B 351 -4.35 9.47 21.78
N GLN B 352 -4.63 8.38 22.50
CA GLN B 352 -3.58 7.53 23.06
C GLN B 352 -3.19 6.39 22.11
N ALA B 353 -3.73 6.37 20.90
CA ALA B 353 -3.40 5.33 19.95
C ALA B 353 -1.94 5.45 19.50
N PRO B 354 -1.27 4.33 19.24
CA PRO B 354 0.10 4.40 18.73
C PRO B 354 0.17 5.01 17.32
N HIS B 355 1.23 5.78 17.08
CA HIS B 355 1.43 6.54 15.86
C HIS B 355 2.71 6.09 15.15
N PHE B 356 2.69 6.09 13.82
CA PHE B 356 3.79 5.56 13.03
C PHE B 356 4.02 6.46 11.81
N LYS B 357 4.78 5.93 10.86
CA LYS B 357 5.14 6.65 9.64
C LYS B 357 5.38 5.64 8.52
N PHE B 358 4.77 5.88 7.37
CA PHE B 358 4.93 4.98 6.23
C PHE B 358 6.29 5.21 5.55
N ASN B 359 7.14 4.20 5.54
CA ASN B 359 8.37 4.31 4.78
C ASN B 359 8.17 3.86 3.34
N GLU B 360 7.84 2.58 3.15
CA GLU B 360 7.75 2.02 1.80
C GLU B 360 6.50 1.18 1.66
N ILE B 361 5.79 1.35 0.54
CA ILE B 361 4.65 0.53 0.17
C ILE B 361 4.98 -0.12 -1.18
N ARG B 362 4.76 -1.42 -1.28
CA ARG B 362 5.14 -2.16 -2.47
C ARG B 362 4.12 -3.26 -2.73
N GLN B 363 4.06 -3.71 -3.98
CA GLN B 363 3.17 -4.79 -4.38
C GLN B 363 3.91 -6.12 -4.28
N VAL B 364 3.23 -7.12 -3.74
CA VAL B 364 3.74 -8.49 -3.67
C VAL B 364 2.62 -9.37 -4.20
N GLY B 365 2.69 -9.73 -5.47
CA GLY B 365 1.61 -10.44 -6.11
C GLY B 365 0.35 -9.60 -6.06
N PRO B 366 -0.77 -10.22 -5.68
CA PRO B 366 -2.01 -9.45 -5.50
C PRO B 366 -2.07 -8.68 -4.20
N ASP B 367 -1.10 -8.85 -3.31
CA ASP B 367 -1.08 -8.16 -2.03
C ASP B 367 -0.25 -6.89 -2.11
N VAL B 368 -0.34 -6.09 -1.05
CA VAL B 368 0.58 -4.98 -0.82
C VAL B 368 1.28 -5.22 0.51
N CYS B 369 2.53 -4.75 0.59
CA CYS B 369 3.33 -4.85 1.80
C CYS B 369 3.72 -3.45 2.25
N LEU B 370 3.37 -3.13 3.49
CA LEU B 370 3.60 -1.80 4.05
C LEU B 370 4.72 -1.86 5.07
N HIS B 371 5.69 -0.95 4.94
CA HIS B 371 6.79 -0.85 5.88
C HIS B 371 6.61 0.43 6.67
N LEU B 372 6.49 0.29 7.99
CA LEU B 372 6.27 1.43 8.87
C LEU B 372 7.39 1.51 9.90
N THR B 373 7.67 2.73 10.34
CA THR B 373 8.57 3.00 11.44
C THR B 373 7.82 3.75 12.53
N THR B 374 8.28 3.59 13.77
CA THR B 374 7.67 4.27 14.92
C THR B 374 7.57 5.78 14.68
N ALA B 375 8.65 6.38 14.19
CA ALA B 375 8.70 7.81 13.90
C ALA B 375 9.88 8.10 12.98
CL CL C . -19.07 16.62 5.93
ZN ZN D . -22.84 15.01 -29.89
CL CL E . 5.52 -21.57 9.51
ZN ZN F . 37.90 -7.33 8.48
PB GDP G . 0.07 -7.14 29.20
O1B GDP G . 0.64 -7.26 27.79
O2B GDP G . -1.35 -6.60 29.11
O3B GDP G . 0.94 -6.18 29.98
O3A GDP G . 0.05 -8.56 29.98
PA GDP G . -0.66 -9.91 29.41
O1A GDP G . -0.28 -11.12 30.25
O2A GDP G . -2.17 -9.76 29.39
O5' GDP G . -0.03 -10.00 27.93
C5' GDP G . 0.86 -11.07 27.62
C4' GDP G . 2.25 -10.62 28.06
O4' GDP G . 3.13 -11.74 28.03
C3' GDP G . 2.87 -9.61 27.12
O3' GDP G . 3.84 -8.82 27.82
C2' GDP G . 3.59 -10.46 26.09
O2' GDP G . 4.85 -9.87 25.80
C1' GDP G . 3.80 -11.81 26.77
N9 GDP G . 3.06 -12.85 26.05
C8 GDP G . 2.30 -12.74 24.92
N7 GDP G . 1.76 -13.94 24.59
C5 GDP G . 2.15 -14.82 25.54
C6 GDP G . 1.97 -16.26 25.83
O6 GDP G . 1.28 -16.99 25.10
N1 GDP G . 2.58 -16.78 26.90
C2 GDP G . 3.34 -16.06 27.74
N2 GDP G . 3.85 -16.70 28.79
N3 GDP G . 3.57 -14.74 27.55
C4 GDP G . 3.01 -14.09 26.49
#